data_2CBV
#
_entry.id   2CBV
#
_cell.length_a   94.261
_cell.length_b   94.310
_cell.length_c   113.411
_cell.angle_alpha   90.00
_cell.angle_beta   90.00
_cell.angle_gamma   90.00
#
_symmetry.space_group_name_H-M   'P 21 21 21'
#
loop_
_entity.id
_entity.type
_entity.pdbx_description
1 polymer 'BETA-GLUCOSIDASE A'
2 non-polymer 'CALYSTEGINE B2'
3 non-polymer 'ACETATE ION'
4 water water
#
_entity_poly.entity_id   1
_entity_poly.type   'polypeptide(L)'
_entity_poly.pdbx_seq_one_letter_code
;MGSSHHHHHHSSGLVPRGSHMASNVKKFPEGFLWGVATASYQIEGSPLADGAGMSIWHTFSHTPGNVKNGDTGDVACDHY
NRWKEDIEIIEKLGVKAYRFSISWPRILPEGTGRVNQKGLDFYNRIIDTLLEKGITPFVTIYHWDLPFALQLKGGWANRE
IADWFAEYSRVLFENFGDRVKNWITLNEPWVVAIVGHLYGVHAPGMRDIYVAFRAVHNLLRAHARAVKVFRETVKDGKIG
IVFNNGYFEPASEKEEDIRAVRFMHQFNNYPLFLNPIYRGDYPELVLEFAREYLPENYKDDMSEIQEKIDFVGLNYYSGH
LVKFDPDAPAKVSFVERDLPKTAMGWEIVPEGIYWILKKVKEEYNPPEVYITENGAAFDDVVSEDGRVHDQNRIDYLKAH
IGQAWKAIQEGVPLKGYFVWSLLDNFEWAEGYSKRFGIVYVDYSTQKRIVKDSGYWYSNVVKNNGLED
;
_entity_poly.pdbx_strand_id   A,B
#
loop_
_chem_comp.id
_chem_comp.type
_chem_comp.name
_chem_comp.formula
ACT non-polymer 'ACETATE ION' 'C2 H3 O2 -1'
CGB non-polymer 'CALYSTEGINE B2' 'C7 H13 N O4'
#
# COMPACT_ATOMS: atom_id res chain seq x y z
N VAL A 25 10.52 -35.14 -19.33
CA VAL A 25 9.86 -35.42 -18.03
C VAL A 25 10.85 -35.36 -16.85
N LYS A 26 10.33 -35.06 -15.66
CA LYS A 26 11.17 -34.97 -14.45
C LYS A 26 10.61 -35.85 -13.34
N LYS A 27 11.10 -37.08 -13.26
CA LYS A 27 10.59 -38.04 -12.28
C LYS A 27 11.41 -37.99 -11.00
N PHE A 28 10.73 -38.01 -9.86
CA PHE A 28 11.36 -37.98 -8.54
C PHE A 28 11.68 -39.40 -8.06
N PRO A 29 12.52 -39.55 -7.01
CA PRO A 29 12.86 -40.88 -6.52
C PRO A 29 11.63 -41.67 -6.10
N GLU A 30 11.71 -43.00 -6.17
CA GLU A 30 10.62 -43.86 -5.68
C GLU A 30 10.34 -43.57 -4.19
N GLY A 31 9.06 -43.48 -3.83
CA GLY A 31 8.68 -43.19 -2.44
C GLY A 31 8.91 -41.75 -1.93
N PHE A 32 9.22 -40.82 -2.85
CA PHE A 32 9.33 -39.40 -2.54
C PHE A 32 7.98 -38.93 -1.96
N LEU A 33 8.03 -38.11 -0.91
CA LEU A 33 6.82 -37.76 -0.18
C LEU A 33 6.26 -36.43 -0.65
N TRP A 34 5.21 -36.48 -1.47
CA TRP A 34 4.48 -35.28 -1.86
C TRP A 34 3.46 -34.96 -0.79
N GLY A 35 3.50 -33.73 -0.29
CA GLY A 35 2.63 -33.37 0.82
C GLY A 35 1.95 -32.02 0.64
N VAL A 36 1.07 -31.71 1.59
CA VAL A 36 0.52 -30.35 1.73
C VAL A 36 0.70 -29.96 3.21
N ALA A 37 0.70 -28.67 3.50
CA ALA A 37 0.94 -28.24 4.89
C ALA A 37 -0.05 -27.21 5.39
N THR A 38 -0.36 -27.25 6.69
CA THR A 38 -1.19 -26.25 7.34
C THR A 38 -0.61 -25.99 8.74
N ALA A 39 -1.24 -25.07 9.48
CA ALA A 39 -0.86 -24.80 10.89
C ALA A 39 -2.17 -24.57 11.66
N SER A 40 -2.18 -25.01 12.92
CA SER A 40 -3.38 -25.07 13.78
C SER A 40 -4.16 -23.75 13.88
N TYR A 41 -3.46 -22.69 14.29
CA TYR A 41 -4.13 -21.41 14.47
C TYR A 41 -4.63 -20.83 13.11
N GLN A 42 -3.94 -21.16 12.04
CA GLN A 42 -4.31 -20.61 10.73
C GLN A 42 -5.57 -21.24 10.16
N ILE A 43 -5.87 -22.49 10.50
CA ILE A 43 -7.04 -23.16 9.90
C ILE A 43 -8.16 -23.57 10.85
N GLU A 44 -7.81 -23.87 12.12
CA GLU A 44 -8.74 -24.55 13.03
C GLU A 44 -9.99 -23.76 13.43
N GLY A 45 -9.82 -22.51 13.84
CA GLY A 45 -10.94 -21.82 14.50
C GLY A 45 -11.22 -22.49 15.85
N SER A 46 -12.29 -22.04 16.51
CA SER A 46 -12.69 -22.55 17.82
C SER A 46 -11.51 -22.60 18.81
N PRO A 47 -10.75 -21.49 18.93
CA PRO A 47 -9.52 -21.51 19.74
C PRO A 47 -9.78 -21.85 21.22
N LEU A 48 -10.98 -21.59 21.71
CA LEU A 48 -11.30 -21.87 23.15
C LEU A 48 -12.26 -23.04 23.34
N ALA A 49 -12.46 -23.82 22.29
CA ALA A 49 -13.38 -24.96 22.39
C ALA A 49 -12.79 -26.09 23.22
N ASP A 50 -13.68 -26.79 23.92
CA ASP A 50 -13.36 -28.05 24.61
C ASP A 50 -12.23 -27.90 25.60
N GLY A 51 -12.26 -26.82 26.38
CA GLY A 51 -11.27 -26.65 27.47
C GLY A 51 -9.89 -26.09 27.09
N ALA A 52 -9.72 -25.69 25.81
CA ALA A 52 -8.43 -25.13 25.35
C ALA A 52 -8.06 -23.85 26.12
N GLY A 53 -6.75 -23.64 26.38
CA GLY A 53 -6.32 -22.36 26.96
C GLY A 53 -6.16 -21.36 25.85
N MET A 54 -6.14 -20.07 26.16
CA MET A 54 -5.79 -19.05 25.17
C MET A 54 -4.35 -19.24 24.66
N SER A 55 -4.09 -18.88 23.40
CA SER A 55 -2.72 -18.80 22.88
C SER A 55 -2.34 -17.34 22.75
N ILE A 56 -1.05 -17.09 22.54
CA ILE A 56 -0.60 -15.72 22.31
C ILE A 56 -1.17 -15.17 21.00
N TRP A 57 -1.56 -16.04 20.04
CA TRP A 57 -2.15 -15.49 18.80
C TRP A 57 -3.60 -15.11 19.00
N HIS A 58 -4.25 -15.79 19.93
CA HIS A 58 -5.61 -15.40 20.32
C HIS A 58 -5.58 -13.98 20.91
N THR A 59 -4.71 -13.75 21.89
CA THR A 59 -4.65 -12.44 22.58
C THR A 59 -4.05 -11.35 21.69
N PHE A 60 -3.05 -11.70 20.87
CA PHE A 60 -2.46 -10.75 19.92
C PHE A 60 -3.46 -10.28 18.84
N SER A 61 -4.18 -11.22 18.23
CA SER A 61 -5.16 -10.86 17.19
C SER A 61 -6.41 -10.20 17.77
N HIS A 62 -6.71 -10.44 19.04
CA HIS A 62 -7.80 -9.70 19.71
C HIS A 62 -7.41 -8.31 20.22
N THR A 63 -6.15 -7.93 19.96
CA THR A 63 -5.68 -6.62 20.33
C THR A 63 -5.81 -5.72 19.11
N PRO A 64 -6.65 -4.66 19.17
CA PRO A 64 -6.81 -3.74 18.01
C PRO A 64 -5.51 -3.26 17.41
N GLY A 65 -5.46 -3.19 16.08
CA GLY A 65 -4.30 -2.68 15.39
C GLY A 65 -3.23 -3.69 15.00
N ASN A 66 -3.28 -4.91 15.54
CA ASN A 66 -2.22 -5.88 15.30
C ASN A 66 -2.34 -6.70 14.01
N VAL A 67 -3.57 -6.96 13.58
CA VAL A 67 -3.84 -7.79 12.39
C VAL A 67 -4.71 -7.00 11.41
N LYS A 68 -4.37 -7.09 10.13
CA LYS A 68 -5.15 -6.47 9.05
C LYS A 68 -6.66 -6.73 9.18
N ASN A 69 -7.47 -5.66 9.02
CA ASN A 69 -8.94 -5.77 9.12
C ASN A 69 -9.51 -6.24 10.45
N GLY A 70 -8.69 -6.33 11.48
CA GLY A 70 -9.18 -6.83 12.77
C GLY A 70 -9.44 -8.34 12.70
N ASP A 71 -8.87 -9.01 11.70
CA ASP A 71 -9.10 -10.47 11.52
C ASP A 71 -8.51 -11.25 12.69
N THR A 72 -9.14 -12.37 13.07
CA THR A 72 -8.61 -13.25 14.13
C THR A 72 -8.70 -14.69 13.67
N GLY A 73 -8.16 -15.60 14.48
CA GLY A 73 -8.32 -17.02 14.18
C GLY A 73 -9.52 -17.65 14.88
N ASP A 74 -10.52 -16.83 15.26
CA ASP A 74 -11.72 -17.36 15.95
C ASP A 74 -12.46 -18.41 15.11
N VAL A 75 -12.56 -18.17 13.80
CA VAL A 75 -13.27 -19.12 12.93
C VAL A 75 -12.34 -19.75 11.90
N ALA A 76 -11.57 -18.92 11.22
CA ALA A 76 -10.62 -19.36 10.19
C ALA A 76 -11.35 -20.25 9.16
N CYS A 77 -10.81 -21.43 8.87
CA CYS A 77 -11.44 -22.41 7.96
C CYS A 77 -12.38 -23.39 8.67
N ASP A 78 -12.67 -23.13 9.95
CA ASP A 78 -13.48 -24.04 10.76
C ASP A 78 -12.99 -25.49 10.67
N HIS A 79 -11.67 -25.68 10.49
CA HIS A 79 -11.13 -27.04 10.42
C HIS A 79 -11.43 -27.85 11.70
N TYR A 80 -11.62 -27.15 12.80
CA TYR A 80 -11.92 -27.82 14.07
C TYR A 80 -13.19 -28.67 13.92
N ASN A 81 -14.12 -28.20 13.11
CA ASN A 81 -15.31 -28.99 12.79
C ASN A 81 -15.24 -29.75 11.47
N ARG A 82 -14.48 -29.23 10.51
CA ARG A 82 -14.50 -29.72 9.14
C ARG A 82 -13.31 -30.60 8.76
N TRP A 83 -12.53 -31.01 9.78
CA TRP A 83 -11.31 -31.78 9.62
C TRP A 83 -11.47 -33.03 8.73
N LYS A 84 -12.55 -33.78 8.90
CA LYS A 84 -12.76 -35.01 8.12
C LYS A 84 -12.91 -34.69 6.62
N GLU A 85 -13.75 -33.70 6.31
CA GLU A 85 -13.92 -33.20 4.93
CA GLU A 85 -13.91 -33.30 4.93
CA GLU A 85 -13.92 -33.21 4.93
C GLU A 85 -12.56 -32.86 4.33
N ASP A 86 -11.77 -32.09 5.10
CA ASP A 86 -10.45 -31.63 4.62
C ASP A 86 -9.48 -32.77 4.32
N ILE A 87 -9.42 -33.75 5.22
CA ILE A 87 -8.59 -34.95 5.00
C ILE A 87 -9.09 -35.73 3.77
N GLU A 88 -10.41 -35.86 3.62
CA GLU A 88 -11.02 -36.47 2.41
C GLU A 88 -10.60 -35.76 1.13
N ILE A 89 -10.41 -34.43 1.18
CA ILE A 89 -9.81 -33.70 0.06
C ILE A 89 -8.36 -34.12 -0.22
N ILE A 90 -7.55 -34.20 0.85
CA ILE A 90 -6.14 -34.68 0.74
C ILE A 90 -6.14 -36.06 0.06
N GLU A 91 -6.96 -36.97 0.56
CA GLU A 91 -7.09 -38.34 0.01
C GLU A 91 -7.50 -38.31 -1.48
N LYS A 92 -8.56 -37.56 -1.79
CA LYS A 92 -9.08 -37.50 -3.16
CA LYS A 92 -9.08 -37.51 -3.16
C LYS A 92 -8.02 -36.94 -4.10
N LEU A 93 -7.18 -36.04 -3.61
CA LEU A 93 -6.09 -35.49 -4.43
C LEU A 93 -4.92 -36.44 -4.55
N GLY A 94 -4.90 -37.51 -3.74
CA GLY A 94 -3.82 -38.50 -3.78
C GLY A 94 -2.50 -38.06 -3.16
N VAL A 95 -2.56 -36.93 -2.45
CA VAL A 95 -1.39 -36.38 -1.71
C VAL A 95 -0.99 -37.40 -0.62
N LYS A 96 0.31 -37.67 -0.53
CA LYS A 96 0.72 -38.80 0.30
CA LYS A 96 0.88 -38.77 0.24
C LYS A 96 1.23 -38.43 1.69
N ALA A 97 1.39 -37.13 1.96
CA ALA A 97 1.78 -36.68 3.31
C ALA A 97 1.01 -35.42 3.69
N TYR A 98 0.72 -35.28 4.99
CA TYR A 98 0.07 -34.06 5.52
C TYR A 98 0.88 -33.54 6.69
N ARG A 99 1.41 -32.33 6.52
CA ARG A 99 2.09 -31.61 7.61
C ARG A 99 1.06 -30.69 8.27
N PHE A 100 0.89 -30.88 9.57
CA PHE A 100 -0.05 -30.09 10.35
C PHE A 100 0.60 -29.85 11.71
N SER A 101 0.10 -28.86 12.44
CA SER A 101 0.64 -28.58 13.74
C SER A 101 -0.40 -28.84 14.81
N ILE A 102 0.12 -29.02 16.03
CA ILE A 102 -0.70 -29.20 17.22
C ILE A 102 -0.70 -27.88 18.04
N SER A 103 -1.89 -27.46 18.45
CA SER A 103 -2.03 -26.31 19.35
C SER A 103 -1.61 -26.69 20.78
N TRP A 104 -0.44 -26.24 21.21
CA TRP A 104 -0.01 -26.45 22.60
C TRP A 104 -1.12 -26.16 23.64
N PRO A 105 -1.79 -24.98 23.59
CA PRO A 105 -2.85 -24.77 24.63
C PRO A 105 -4.11 -25.64 24.55
N ARG A 106 -4.34 -26.35 23.43
CA ARG A 106 -5.41 -27.36 23.44
C ARG A 106 -4.99 -28.57 24.28
N ILE A 107 -3.70 -28.85 24.31
CA ILE A 107 -3.16 -30.04 24.97
C ILE A 107 -2.89 -29.75 26.43
N LEU A 108 -2.23 -28.63 26.71
CA LEU A 108 -1.90 -28.25 28.10
C LEU A 108 -2.39 -26.82 28.22
N PRO A 109 -3.63 -26.62 28.68
CA PRO A 109 -4.24 -25.28 28.68
C PRO A 109 -3.45 -24.19 29.44
N GLU A 110 -2.69 -24.60 30.44
CA GLU A 110 -1.87 -23.67 31.22
CA GLU A 110 -1.85 -23.66 31.20
CA GLU A 110 -1.85 -23.68 31.23
C GLU A 110 -0.39 -23.78 30.81
N GLY A 111 -0.14 -24.51 29.72
CA GLY A 111 1.23 -24.65 29.18
C GLY A 111 1.98 -25.84 29.76
N THR A 112 1.89 -26.00 31.08
CA THR A 112 2.47 -27.16 31.75
C THR A 112 1.42 -27.68 32.72
N GLY A 113 1.62 -28.91 33.18
CA GLY A 113 0.76 -29.48 34.24
C GLY A 113 -0.40 -30.20 33.60
N ARG A 114 -1.59 -29.63 33.71
CA ARG A 114 -2.81 -30.33 33.29
C ARG A 114 -2.83 -30.64 31.80
N VAL A 115 -3.16 -31.90 31.49
CA VAL A 115 -3.40 -32.38 30.12
C VAL A 115 -4.91 -32.49 29.83
N ASN A 116 -5.32 -31.85 28.75
CA ASN A 116 -6.71 -31.83 28.27
C ASN A 116 -7.00 -32.98 27.27
N GLN A 117 -7.76 -33.97 27.73
CA GLN A 117 -8.02 -35.16 26.91
C GLN A 117 -8.78 -34.82 25.62
N LYS A 118 -9.59 -33.77 25.65
CA LYS A 118 -10.33 -33.38 24.46
C LYS A 118 -9.44 -32.77 23.37
N GLY A 119 -8.33 -32.16 23.77
CA GLY A 119 -7.33 -31.68 22.83
C GLY A 119 -6.63 -32.86 22.20
N LEU A 120 -6.25 -33.83 23.04
CA LEU A 120 -5.65 -35.06 22.53
C LEU A 120 -6.60 -35.78 21.57
N ASP A 121 -7.89 -35.88 21.96
CA ASP A 121 -8.92 -36.57 21.17
C ASP A 121 -9.00 -35.98 19.73
N PHE A 122 -9.04 -34.64 19.65
CA PHE A 122 -9.08 -33.92 18.34
C PHE A 122 -7.96 -34.35 17.37
N TYR A 123 -6.73 -34.36 17.84
CA TYR A 123 -5.61 -34.75 17.00
C TYR A 123 -5.52 -36.27 16.83
N ASN A 124 -5.96 -37.03 17.83
CA ASN A 124 -6.05 -38.47 17.67
C ASN A 124 -6.92 -38.87 16.48
N ARG A 125 -8.10 -38.28 16.38
CA ARG A 125 -9.01 -38.52 15.24
C ARG A 125 -8.40 -38.16 13.89
N ILE A 126 -7.70 -37.03 13.82
CA ILE A 126 -6.96 -36.64 12.61
C ILE A 126 -5.89 -37.68 12.24
N ILE A 127 -5.05 -38.03 13.22
CA ILE A 127 -3.97 -39.00 13.04
C ILE A 127 -4.51 -40.35 12.54
N ASP A 128 -5.51 -40.88 13.25
CA ASP A 128 -6.09 -42.19 12.92
C ASP A 128 -6.67 -42.20 11.52
N THR A 129 -7.31 -41.10 11.15
CA THR A 129 -7.94 -40.93 9.85
C THR A 129 -6.93 -40.89 8.73
N LEU A 130 -5.86 -40.11 8.91
CA LEU A 130 -4.76 -40.05 7.96
C LEU A 130 -4.18 -41.45 7.71
N LEU A 131 -3.84 -42.15 8.79
CA LEU A 131 -3.31 -43.53 8.72
C LEU A 131 -4.25 -44.50 8.00
N GLU A 132 -5.53 -44.51 8.36
CA GLU A 132 -6.53 -45.31 7.68
C GLU A 132 -6.50 -45.08 6.18
N LYS A 133 -6.26 -43.83 5.78
CA LYS A 133 -6.27 -43.44 4.38
C LYS A 133 -4.90 -43.51 3.69
N GLY A 134 -3.90 -44.04 4.38
CA GLY A 134 -2.55 -44.11 3.81
C GLY A 134 -1.81 -42.79 3.58
N ILE A 135 -2.11 -41.79 4.42
CA ILE A 135 -1.41 -40.48 4.35
C ILE A 135 -0.45 -40.38 5.52
N THR A 136 0.77 -39.93 5.25
CA THR A 136 1.80 -39.92 6.28
C THR A 136 1.72 -38.61 7.08
N PRO A 137 1.45 -38.70 8.39
CA PRO A 137 1.40 -37.46 9.18
C PRO A 137 2.81 -36.92 9.43
N PHE A 138 3.01 -35.63 9.16
CA PHE A 138 4.19 -34.91 9.63
C PHE A 138 3.72 -33.89 10.66
N VAL A 139 4.09 -34.07 11.93
CA VAL A 139 3.58 -33.16 13.00
C VAL A 139 4.58 -32.07 13.42
N THR A 140 4.16 -30.82 13.28
CA THR A 140 4.87 -29.65 13.82
C THR A 140 4.40 -29.39 15.24
N ILE A 141 5.32 -29.56 16.19
CA ILE A 141 4.96 -29.46 17.61
C ILE A 141 4.62 -27.98 17.94
N TYR A 142 5.43 -27.07 17.42
CA TYR A 142 5.21 -25.62 17.66
C TYR A 142 5.18 -24.81 16.37
N HIS A 143 3.98 -24.36 16.00
CA HIS A 143 3.83 -23.41 14.89
C HIS A 143 3.17 -22.15 15.44
N TRP A 144 3.73 -21.63 16.56
CA TRP A 144 3.59 -20.22 16.97
C TRP A 144 2.51 -19.90 17.97
N ASP A 145 1.59 -20.82 18.17
CA ASP A 145 0.49 -20.62 19.16
C ASP A 145 0.86 -21.00 20.59
N LEU A 146 1.85 -20.29 21.14
CA LEU A 146 2.28 -20.50 22.52
C LEU A 146 1.10 -20.31 23.49
N PRO A 147 0.97 -21.17 24.51
CA PRO A 147 -0.04 -20.88 25.52
C PRO A 147 0.18 -19.48 26.15
N PHE A 148 -0.88 -18.72 26.21
CA PHE A 148 -0.84 -17.40 26.84
C PHE A 148 -0.29 -17.47 28.28
N ALA A 149 -0.69 -18.49 29.03
CA ALA A 149 -0.23 -18.68 30.43
C ALA A 149 1.28 -18.67 30.51
N LEU A 150 1.95 -19.22 29.49
CA LEU A 150 3.43 -19.22 29.50
C LEU A 150 4.03 -17.89 29.08
N GLN A 151 3.32 -17.15 28.22
CA GLN A 151 3.76 -15.80 27.84
C GLN A 151 3.76 -14.90 29.08
N LEU A 152 2.79 -15.10 29.97
CA LEU A 152 2.75 -14.35 31.26
C LEU A 152 4.01 -14.55 32.08
N LYS A 153 4.65 -15.73 31.89
CA LYS A 153 5.90 -16.06 32.58
CA LYS A 153 5.89 -16.06 32.58
CA LYS A 153 5.89 -16.07 32.58
C LYS A 153 7.11 -15.77 31.70
N GLY A 154 6.91 -14.94 30.68
CA GLY A 154 7.99 -14.48 29.77
C GLY A 154 8.12 -15.27 28.47
N GLY A 155 7.40 -16.39 28.32
CA GLY A 155 7.42 -17.15 27.04
C GLY A 155 8.84 -17.52 26.59
N TRP A 156 9.16 -17.27 25.32
CA TRP A 156 10.48 -17.65 24.75
C TRP A 156 11.65 -16.89 25.37
N ALA A 157 11.38 -15.81 26.09
CA ALA A 157 12.42 -15.04 26.82
C ALA A 157 12.93 -15.74 28.07
N ASN A 158 12.12 -16.67 28.60
CA ASN A 158 12.43 -17.37 29.85
C ASN A 158 13.17 -18.71 29.63
N ARG A 159 14.36 -18.87 30.22
CA ARG A 159 15.15 -20.12 30.07
C ARG A 159 14.36 -21.35 30.43
N GLU A 160 13.42 -21.19 31.34
CA GLU A 160 12.62 -22.31 31.80
CA GLU A 160 12.59 -22.28 31.80
C GLU A 160 11.74 -22.89 30.69
N ILE A 161 11.56 -22.16 29.58
CA ILE A 161 10.77 -22.69 28.45
C ILE A 161 11.36 -23.97 27.84
N ALA A 162 12.69 -24.17 27.99
CA ALA A 162 13.31 -25.46 27.57
C ALA A 162 12.62 -26.59 28.33
N ASP A 163 12.37 -26.39 29.63
CA ASP A 163 11.64 -27.37 30.47
C ASP A 163 10.18 -27.53 30.04
N TRP A 164 9.49 -26.39 29.88
CA TRP A 164 8.07 -26.43 29.54
C TRP A 164 7.88 -27.12 28.19
N PHE A 165 8.73 -26.77 27.24
CA PHE A 165 8.65 -27.34 25.89
C PHE A 165 8.94 -28.85 25.87
N ALA A 166 9.95 -29.25 26.63
CA ALA A 166 10.25 -30.69 26.81
C ALA A 166 9.07 -31.47 27.38
N GLU A 167 8.39 -30.91 28.36
CA GLU A 167 7.23 -31.54 29.01
C GLU A 167 6.05 -31.66 28.00
N TYR A 168 5.78 -30.59 27.28
CA TYR A 168 4.78 -30.58 26.20
C TYR A 168 5.13 -31.64 25.12
N SER A 169 6.34 -31.57 24.59
CA SER A 169 6.81 -32.56 23.61
C SER A 169 6.63 -34.00 24.14
N ARG A 170 7.04 -34.26 25.40
CA ARG A 170 6.89 -35.61 25.99
CA ARG A 170 6.90 -35.59 26.02
C ARG A 170 5.45 -36.08 25.98
N VAL A 171 4.50 -35.19 26.31
CA VAL A 171 3.09 -35.56 26.25
C VAL A 171 2.69 -36.03 24.84
N LEU A 172 3.11 -35.27 23.83
CA LEU A 172 2.80 -35.61 22.44
C LEU A 172 3.41 -36.96 22.03
N PHE A 173 4.66 -37.18 22.40
CA PHE A 173 5.38 -38.40 22.03
C PHE A 173 4.69 -39.60 22.67
N GLU A 174 4.32 -39.46 23.93
CA GLU A 174 3.66 -40.54 24.65
CA GLU A 174 3.65 -40.53 24.68
C GLU A 174 2.27 -40.84 24.11
N ASN A 175 1.54 -39.82 23.72
CA ASN A 175 0.19 -40.06 23.20
C ASN A 175 0.07 -40.46 21.73
N PHE A 176 1.00 -39.99 20.89
CA PHE A 176 0.88 -40.12 19.44
C PHE A 176 2.05 -40.82 18.80
N GLY A 177 3.15 -40.97 19.53
CA GLY A 177 4.41 -41.48 18.96
C GLY A 177 4.32 -42.93 18.49
N ASP A 178 3.27 -43.63 18.89
CA ASP A 178 3.02 -44.99 18.41
C ASP A 178 2.58 -44.98 16.94
N ARG A 179 1.99 -43.87 16.50
CA ARG A 179 1.45 -43.71 15.15
C ARG A 179 2.16 -42.67 14.30
N VAL A 180 2.44 -41.51 14.90
CA VAL A 180 3.20 -40.46 14.20
C VAL A 180 4.68 -40.76 14.33
N LYS A 181 5.37 -40.80 13.21
CA LYS A 181 6.79 -41.18 13.18
C LYS A 181 7.69 -40.10 12.64
N ASN A 182 7.10 -38.99 12.21
CA ASN A 182 7.82 -37.88 11.63
C ASN A 182 7.41 -36.58 12.36
N TRP A 183 8.37 -35.97 13.02
CA TRP A 183 8.10 -34.85 13.95
C TRP A 183 9.00 -33.66 13.62
N ILE A 184 8.48 -32.46 13.87
CA ILE A 184 9.21 -31.21 13.70
C ILE A 184 9.04 -30.43 15.03
N THR A 185 10.16 -30.04 15.66
CA THR A 185 10.11 -29.33 16.94
C THR A 185 9.49 -27.93 16.70
N LEU A 186 10.14 -27.15 15.85
CA LEU A 186 9.83 -25.75 15.68
C LEU A 186 9.63 -25.37 14.22
N ASN A 187 8.60 -24.56 13.98
CA ASN A 187 8.42 -23.86 12.69
C ASN A 187 9.01 -22.48 12.72
N GLU A 188 10.01 -22.25 11.85
CA GLU A 188 10.57 -20.92 11.60
C GLU A 188 10.98 -20.16 12.88
N PRO A 189 11.89 -20.73 13.68
CA PRO A 189 12.24 -20.08 14.95
C PRO A 189 12.83 -18.66 14.76
N TRP A 190 13.46 -18.36 13.61
CA TRP A 190 13.88 -16.98 13.33
C TRP A 190 12.69 -16.01 13.38
N VAL A 191 11.59 -16.36 12.71
CA VAL A 191 10.38 -15.52 12.70
C VAL A 191 9.81 -15.40 14.13
N VAL A 192 9.68 -16.52 14.83
CA VAL A 192 9.23 -16.55 16.24
C VAL A 192 10.01 -15.54 17.08
N ALA A 193 11.36 -15.60 17.02
CA ALA A 193 12.21 -14.69 17.80
C ALA A 193 12.18 -13.30 17.24
N ILE A 194 12.48 -13.14 15.95
CA ILE A 194 12.75 -11.79 15.45
C ILE A 194 11.49 -11.02 15.10
N VAL A 195 10.58 -11.64 14.36
CA VAL A 195 9.34 -10.96 14.01
C VAL A 195 8.42 -10.83 15.26
N GLY A 196 8.49 -11.80 16.17
CA GLY A 196 7.68 -11.76 17.41
C GLY A 196 8.20 -10.83 18.47
N HIS A 197 9.53 -10.73 18.62
CA HIS A 197 10.12 -10.04 19.78
C HIS A 197 11.02 -8.82 19.47
N LEU A 198 11.35 -8.62 18.19
CA LEU A 198 12.15 -7.49 17.72
C LEU A 198 11.30 -6.55 16.89
N TYR A 199 10.64 -7.09 15.86
CA TYR A 199 9.80 -6.29 14.95
C TYR A 199 8.45 -6.02 15.59
N GLY A 200 7.97 -6.96 16.41
CA GLY A 200 6.69 -6.75 17.09
C GLY A 200 5.47 -6.91 16.21
N VAL A 201 5.66 -7.54 15.06
CA VAL A 201 4.64 -7.68 14.05
C VAL A 201 3.83 -8.96 14.26
N HIS A 202 4.43 -9.94 14.93
CA HIS A 202 3.74 -11.18 15.29
C HIS A 202 3.66 -11.26 16.80
N ALA A 203 2.77 -12.12 17.31
CA ALA A 203 2.74 -12.42 18.75
C ALA A 203 4.13 -12.85 19.24
N PRO A 204 4.51 -12.44 20.46
CA PRO A 204 3.71 -11.64 21.41
C PRO A 204 3.77 -10.10 21.19
N GLY A 205 4.34 -9.65 20.07
CA GLY A 205 4.30 -8.25 19.71
C GLY A 205 5.27 -7.36 20.44
N MET A 206 6.50 -7.82 20.66
CA MET A 206 7.48 -7.05 21.43
CA MET A 206 7.48 -7.03 21.41
C MET A 206 8.54 -6.47 20.50
N ARG A 207 9.19 -5.38 20.95
CA ARG A 207 10.29 -4.76 20.23
C ARG A 207 11.44 -4.56 21.21
N ASP A 208 12.21 -5.62 21.44
CA ASP A 208 13.37 -5.56 22.31
C ASP A 208 14.42 -6.52 21.76
N ILE A 209 15.53 -5.97 21.27
CA ILE A 209 16.57 -6.80 20.62
C ILE A 209 17.26 -7.81 21.55
N TYR A 210 17.39 -7.45 22.83
CA TYR A 210 17.97 -8.35 23.83
C TYR A 210 16.99 -9.52 24.12
N VAL A 211 15.69 -9.21 24.17
CA VAL A 211 14.72 -10.29 24.33
C VAL A 211 14.74 -11.19 23.08
N ALA A 212 14.80 -10.57 21.89
CA ALA A 212 14.74 -11.33 20.63
C ALA A 212 15.88 -12.36 20.55
N PHE A 213 17.10 -11.97 21.00
CA PHE A 213 18.23 -12.93 20.92
C PHE A 213 18.22 -13.96 22.01
N ARG A 214 17.66 -13.62 23.18
CA ARG A 214 17.41 -14.65 24.17
CA ARG A 214 17.41 -14.65 24.17
C ARG A 214 16.35 -15.65 23.71
N ALA A 215 15.34 -15.18 22.95
CA ALA A 215 14.37 -16.11 22.37
C ALA A 215 15.05 -17.04 21.34
N VAL A 216 15.90 -16.49 20.47
CA VAL A 216 16.70 -17.35 19.57
C VAL A 216 17.35 -18.48 20.36
N HIS A 217 18.05 -18.11 21.41
CA HIS A 217 18.84 -19.07 22.19
C HIS A 217 17.96 -20.09 22.89
N ASN A 218 16.88 -19.60 23.51
CA ASN A 218 15.96 -20.53 24.20
C ASN A 218 15.20 -21.45 23.23
N LEU A 219 14.90 -20.96 22.05
CA LEU A 219 14.28 -21.80 20.99
C LEU A 219 15.21 -22.99 20.68
N LEU A 220 16.50 -22.73 20.48
CA LEU A 220 17.48 -23.82 20.32
C LEU A 220 17.53 -24.78 21.52
N ARG A 221 17.58 -24.24 22.73
CA ARG A 221 17.65 -25.09 23.93
C ARG A 221 16.41 -25.91 24.05
N ALA A 222 15.25 -25.30 23.79
CA ALA A 222 14.00 -26.06 23.85
C ALA A 222 13.97 -27.13 22.77
N HIS A 223 14.31 -26.77 21.53
CA HIS A 223 14.40 -27.76 20.43
C HIS A 223 15.25 -28.96 20.87
N ALA A 224 16.42 -28.70 21.44
CA ALA A 224 17.33 -29.79 21.80
C ALA A 224 16.80 -30.66 22.94
N ARG A 225 16.15 -30.05 23.93
CA ARG A 225 15.54 -30.83 25.02
C ARG A 225 14.44 -31.75 24.49
N ALA A 226 13.65 -31.24 23.54
CA ALA A 226 12.59 -32.04 22.96
C ALA A 226 13.17 -33.23 22.17
N VAL A 227 14.21 -33.00 21.37
CA VAL A 227 14.89 -34.10 20.66
C VAL A 227 15.40 -35.17 21.66
N LYS A 228 16.04 -34.71 22.74
CA LYS A 228 16.52 -35.60 23.84
C LYS A 228 15.39 -36.46 24.40
N VAL A 229 14.26 -35.84 24.70
CA VAL A 229 13.09 -36.56 25.18
C VAL A 229 12.56 -37.53 24.09
N PHE A 230 12.54 -37.09 22.82
CA PHE A 230 12.12 -37.96 21.71
C PHE A 230 12.91 -39.28 21.71
N ARG A 231 14.22 -39.21 21.85
CA ARG A 231 15.08 -40.41 21.88
C ARG A 231 14.76 -41.41 23.00
N GLU A 232 14.29 -40.91 24.14
CA GLU A 232 13.87 -41.72 25.29
C GLU A 232 12.47 -42.29 25.12
N THR A 233 11.64 -41.69 24.27
CA THR A 233 10.20 -41.97 24.26
CA THR A 233 10.21 -42.01 24.26
C THR A 233 9.72 -42.65 22.97
N VAL A 234 10.33 -42.30 21.85
CA VAL A 234 9.86 -42.81 20.56
C VAL A 234 11.01 -43.52 19.87
N LYS A 235 11.25 -44.74 20.32
CA LYS A 235 12.26 -45.64 19.75
C LYS A 235 12.39 -45.65 18.20
N ASP A 236 11.26 -45.58 17.47
CA ASP A 236 11.29 -45.73 16.00
CA ASP A 236 11.21 -45.73 15.99
C ASP A 236 11.19 -44.49 15.10
N GLY A 237 10.81 -43.33 15.62
CA GLY A 237 10.59 -42.18 14.73
C GLY A 237 11.76 -41.31 14.30
N LYS A 238 11.46 -40.30 13.47
CA LYS A 238 12.42 -39.28 13.07
C LYS A 238 11.96 -37.87 13.48
N ILE A 239 12.91 -37.05 13.90
CA ILE A 239 12.60 -35.68 14.36
C ILE A 239 13.55 -34.68 13.68
N GLY A 240 13.00 -33.54 13.28
CA GLY A 240 13.77 -32.45 12.67
C GLY A 240 13.26 -31.09 13.12
N ILE A 241 13.54 -30.09 12.33
CA ILE A 241 13.29 -28.69 12.66
C ILE A 241 13.19 -27.95 11.34
N VAL A 242 12.33 -26.94 11.29
CA VAL A 242 12.01 -26.22 10.07
C VAL A 242 12.44 -24.76 10.11
N PHE A 243 13.13 -24.29 9.05
CA PHE A 243 13.61 -22.90 8.94
C PHE A 243 13.02 -22.18 7.75
N ASN A 244 12.72 -20.89 7.91
CA ASN A 244 12.44 -19.99 6.76
C ASN A 244 13.77 -19.66 6.06
N ASN A 245 13.72 -19.46 4.75
CA ASN A 245 14.92 -19.11 4.00
C ASN A 245 14.55 -18.22 2.83
N GLY A 246 15.37 -17.20 2.59
CA GLY A 246 15.30 -16.36 1.38
C GLY A 246 16.52 -16.61 0.50
N TYR A 247 16.40 -16.32 -0.79
CA TYR A 247 17.58 -16.37 -1.67
C TYR A 247 18.09 -14.95 -1.79
N PHE A 248 19.21 -14.70 -1.12
CA PHE A 248 19.74 -13.36 -1.11
C PHE A 248 20.81 -13.21 -2.20
N GLU A 249 20.64 -12.17 -3.02
CA GLU A 249 21.59 -11.83 -4.06
C GLU A 249 22.12 -10.41 -3.85
N PRO A 250 23.39 -10.17 -4.22
CA PRO A 250 24.01 -8.85 -4.01
C PRO A 250 23.60 -7.87 -5.10
N ALA A 251 23.36 -6.62 -4.72
CA ALA A 251 22.94 -5.58 -5.66
C ALA A 251 24.01 -5.25 -6.71
N SER A 252 25.25 -5.67 -6.44
CA SER A 252 26.42 -5.30 -7.22
C SER A 252 27.54 -6.33 -7.00
N GLU A 253 28.69 -6.05 -7.63
CA GLU A 253 29.92 -6.79 -7.44
C GLU A 253 30.77 -6.32 -6.27
N LYS A 254 30.36 -5.27 -5.55
CA LYS A 254 31.15 -4.81 -4.39
C LYS A 254 31.43 -5.94 -3.40
N GLU A 256 31.20 -5.65 -0.31
CA GLU A 256 30.42 -5.39 0.91
C GLU A 256 28.93 -5.67 0.68
N ASP A 257 28.50 -5.65 -0.57
CA ASP A 257 27.19 -6.17 -0.93
C ASP A 257 27.23 -7.70 -0.86
N ILE A 258 28.40 -8.27 -1.17
CA ILE A 258 28.58 -9.73 -1.15
C ILE A 258 28.49 -10.22 0.29
N ARG A 259 29.00 -9.40 1.20
CA ARG A 259 29.04 -9.64 2.63
C ARG A 259 27.68 -9.37 3.29
N ALA A 260 26.91 -8.45 2.72
CA ALA A 260 25.58 -8.14 3.24
C ALA A 260 24.73 -9.36 2.95
N VAL A 261 25.03 -10.04 1.84
CA VAL A 261 24.34 -11.26 1.46
C VAL A 261 24.75 -12.39 2.41
N ARG A 262 26.03 -12.46 2.71
CA ARG A 262 26.60 -13.44 3.66
CA ARG A 262 26.52 -13.49 3.65
C ARG A 262 25.95 -13.28 5.04
N PHE A 263 25.78 -12.03 5.47
CA PHE A 263 25.11 -11.78 6.74
C PHE A 263 23.64 -12.22 6.72
N MET A 264 22.92 -11.87 5.67
CA MET A 264 21.50 -12.23 5.54
C MET A 264 21.27 -13.72 5.51
N HIS A 265 22.11 -14.44 4.77
CA HIS A 265 22.10 -15.90 4.79
C HIS A 265 22.32 -16.48 6.20
N GLN A 266 23.35 -16.00 6.90
CA GLN A 266 23.71 -16.60 8.19
C GLN A 266 22.68 -16.25 9.27
N PHE A 267 22.05 -15.09 9.11
CA PHE A 267 21.11 -14.57 10.11
C PHE A 267 19.67 -15.00 9.85
N ASN A 268 19.21 -14.82 8.61
CA ASN A 268 17.80 -15.04 8.26
CA ASN A 268 17.81 -15.04 8.22
C ASN A 268 17.53 -16.49 7.83
N ASN A 269 18.58 -17.20 7.39
CA ASN A 269 18.43 -18.59 6.92
C ASN A 269 18.86 -19.67 7.93
N TYR A 270 18.76 -20.93 7.54
CA TYR A 270 19.11 -22.07 8.42
C TYR A 270 20.44 -21.98 9.26
N PRO A 271 21.51 -21.25 8.79
CA PRO A 271 22.76 -21.24 9.62
C PRO A 271 22.60 -20.67 11.02
N LEU A 272 21.69 -19.72 11.24
CA LEU A 272 21.53 -19.19 12.58
C LEU A 272 21.31 -20.29 13.60
N PHE A 273 20.60 -21.32 13.16
CA PHE A 273 20.25 -22.45 14.00
C PHE A 273 21.10 -23.69 13.75
N LEU A 274 21.47 -23.92 12.49
CA LEU A 274 22.23 -25.13 12.13
C LEU A 274 23.71 -25.09 12.51
N ASN A 275 24.29 -23.90 12.56
CA ASN A 275 25.64 -23.73 13.03
C ASN A 275 25.76 -24.12 14.50
N PRO A 276 24.82 -23.66 15.37
CA PRO A 276 24.81 -24.26 16.71
C PRO A 276 24.60 -25.77 16.75
N ILE A 277 23.58 -26.27 16.04
CA ILE A 277 23.26 -27.68 16.09
C ILE A 277 24.44 -28.56 15.60
N TYR A 278 25.09 -28.16 14.52
CA TYR A 278 26.12 -28.99 13.89
C TYR A 278 27.53 -28.65 14.34
N ARG A 279 27.79 -27.36 14.55
CA ARG A 279 29.15 -26.85 14.81
C ARG A 279 29.33 -26.28 16.21
N GLY A 280 28.22 -26.08 16.95
CA GLY A 280 28.34 -25.67 18.32
C GLY A 280 28.52 -24.18 18.59
N ASP A 281 28.20 -23.32 17.62
CA ASP A 281 28.23 -21.86 17.88
C ASP A 281 27.38 -21.18 16.84
N TYR A 282 26.99 -19.94 17.10
CA TYR A 282 26.33 -19.10 16.11
C TYR A 282 27.29 -18.81 14.95
N PRO A 283 26.75 -18.53 13.75
CA PRO A 283 27.57 -18.10 12.61
C PRO A 283 28.38 -16.85 12.96
N GLU A 284 29.51 -16.65 12.26
CA GLU A 284 30.46 -15.59 12.57
C GLU A 284 29.86 -14.20 12.41
N LEU A 285 29.14 -13.95 11.32
CA LEU A 285 28.55 -12.61 11.12
C LEU A 285 27.32 -12.31 12.02
N VAL A 286 26.62 -13.36 12.46
CA VAL A 286 25.60 -13.19 13.50
C VAL A 286 26.26 -12.73 14.81
N LEU A 287 27.37 -13.37 15.20
CA LEU A 287 28.09 -12.95 16.40
C LEU A 287 28.65 -11.52 16.28
N GLU A 288 29.13 -11.14 15.10
CA GLU A 288 29.60 -9.77 14.87
CA GLU A 288 29.61 -9.77 14.84
C GLU A 288 28.47 -8.75 15.11
N PHE A 289 27.29 -9.05 14.58
CA PHE A 289 26.14 -8.19 14.82
C PHE A 289 25.54 -8.27 16.25
N ALA A 290 25.47 -9.47 16.82
CA ALA A 290 24.51 -9.67 17.92
C ALA A 290 25.06 -10.24 19.22
N ARG A 291 26.39 -10.29 19.37
CA ARG A 291 26.97 -10.93 20.55
CA ARG A 291 26.99 -10.92 20.54
C ARG A 291 26.56 -10.25 21.85
N GLU A 292 26.45 -8.92 21.83
CA GLU A 292 26.04 -8.13 23.01
C GLU A 292 24.62 -8.45 23.50
N TYR A 293 23.81 -9.01 22.61
CA TYR A 293 22.37 -9.33 22.86
C TYR A 293 22.13 -10.75 23.32
N LEU A 294 23.10 -11.64 23.08
CA LEU A 294 23.02 -13.02 23.57
C LEU A 294 23.37 -13.09 25.04
N PRO A 295 22.89 -14.14 25.75
CA PRO A 295 23.35 -14.28 27.14
C PRO A 295 24.88 -14.32 27.20
N GLU A 296 25.45 -13.87 28.31
CA GLU A 296 26.90 -13.75 28.43
C GLU A 296 27.62 -15.11 28.35
N ASN A 297 27.00 -16.11 28.96
CA ASN A 297 27.56 -17.46 29.00
C ASN A 297 26.78 -18.45 28.08
N TYR A 298 26.33 -17.96 26.93
CA TYR A 298 25.50 -18.75 26.01
C TYR A 298 26.24 -20.00 25.50
N LYS A 299 27.58 -19.96 25.38
CA LYS A 299 28.33 -21.15 24.94
C LYS A 299 28.15 -22.32 25.88
N ASP A 300 27.92 -22.06 27.16
CA ASP A 300 27.65 -23.11 28.14
C ASP A 300 26.52 -24.05 27.70
N ASP A 301 25.61 -23.55 26.86
CA ASP A 301 24.46 -24.36 26.42
C ASP A 301 24.70 -25.12 25.11
N MET A 302 25.83 -24.85 24.46
CA MET A 302 26.03 -25.35 23.10
C MET A 302 26.18 -26.84 22.94
N SER A 303 26.82 -27.52 23.89
CA SER A 303 26.98 -28.96 23.75
C SER A 303 25.63 -29.67 23.80
N GLU A 304 24.70 -29.15 24.61
CA GLU A 304 23.37 -29.72 24.68
CA GLU A 304 23.35 -29.72 24.68
C GLU A 304 22.57 -29.42 23.40
N ILE A 305 22.76 -28.23 22.86
CA ILE A 305 22.14 -27.80 21.60
C ILE A 305 22.55 -28.70 20.41
N GLN A 306 23.76 -29.25 20.49
CA GLN A 306 24.22 -30.21 19.45
C GLN A 306 23.50 -31.57 19.38
N GLU A 307 22.42 -31.76 20.14
CA GLU A 307 21.60 -32.98 20.09
C GLU A 307 21.31 -33.39 18.61
N LYS A 308 21.62 -34.65 18.22
CA LYS A 308 21.50 -35.13 16.82
CA LYS A 308 21.50 -35.04 16.81
C LYS A 308 20.06 -35.05 16.31
N ILE A 309 19.88 -34.49 15.12
CA ILE A 309 18.58 -34.43 14.45
C ILE A 309 18.60 -35.35 13.24
N ASP A 310 17.41 -35.74 12.78
CA ASP A 310 17.23 -36.70 11.67
C ASP A 310 17.04 -36.08 10.31
N PHE A 311 16.44 -34.87 10.27
CA PHE A 311 16.24 -34.15 9.02
C PHE A 311 16.16 -32.62 9.22
N VAL A 312 16.39 -31.88 8.15
CA VAL A 312 16.21 -30.44 8.13
C VAL A 312 15.02 -30.17 7.22
N GLY A 313 14.06 -29.35 7.68
CA GLY A 313 12.96 -28.89 6.85
C GLY A 313 13.28 -27.45 6.46
N LEU A 314 13.23 -27.16 5.16
CA LEU A 314 13.44 -25.82 4.65
C LEU A 314 12.15 -25.33 4.04
N ASN A 315 11.71 -24.17 4.52
CA ASN A 315 10.62 -23.44 3.88
C ASN A 315 11.27 -22.43 2.95
N TYR A 316 10.68 -22.23 1.78
CA TYR A 316 11.22 -21.27 0.80
C TYR A 316 10.10 -20.66 -0.05
N TYR A 317 10.11 -19.32 -0.17
CA TYR A 317 9.12 -18.55 -0.96
C TYR A 317 9.70 -17.55 -1.95
N SER A 318 10.79 -16.88 -1.57
CA SER A 318 11.19 -15.70 -2.31
CA SER A 318 11.18 -15.68 -2.28
C SER A 318 12.68 -15.38 -2.32
N GLY A 319 13.06 -14.57 -3.30
CA GLY A 319 14.40 -14.01 -3.40
C GLY A 319 14.39 -12.52 -3.07
N HIS A 320 15.56 -12.02 -2.67
CA HIS A 320 15.72 -10.64 -2.25
C HIS A 320 17.07 -10.09 -2.75
N LEU A 321 17.02 -8.91 -3.35
CA LEU A 321 18.25 -8.18 -3.68
C LEU A 321 18.62 -7.38 -2.45
N VAL A 322 19.89 -7.43 -2.10
CA VAL A 322 20.37 -6.94 -0.82
C VAL A 322 21.60 -6.05 -1.03
N LYS A 323 21.66 -4.96 -0.27
CA LYS A 323 22.81 -4.08 -0.32
C LYS A 323 23.24 -3.68 1.07
N PHE A 324 24.55 -3.52 1.26
CA PHE A 324 25.05 -2.84 2.43
C PHE A 324 24.41 -1.47 2.49
N ASP A 325 23.99 -1.07 3.69
CA ASP A 325 23.37 0.22 3.90
C ASP A 325 23.73 0.68 5.30
N PRO A 326 24.59 1.73 5.42
CA PRO A 326 25.13 2.19 6.72
C PRO A 326 24.05 2.64 7.71
N ASP A 327 22.89 3.01 7.17
CA ASP A 327 21.82 3.62 7.95
C ASP A 327 20.75 2.64 8.47
N ALA A 328 20.76 1.42 7.92
CA ALA A 328 19.84 0.35 8.32
C ALA A 328 20.12 -0.13 9.75
N PRO A 329 19.09 -0.66 10.44
CA PRO A 329 19.28 -1.20 11.80
C PRO A 329 20.30 -2.36 11.90
N ALA A 330 20.52 -3.08 10.79
CA ALA A 330 21.51 -4.19 10.74
C ALA A 330 22.58 -3.98 9.66
N LYS A 331 22.56 -2.79 9.04
CA LYS A 331 23.46 -2.40 7.94
C LYS A 331 23.18 -3.14 6.62
N VAL A 332 21.92 -3.52 6.43
CA VAL A 332 21.47 -4.22 5.22
C VAL A 332 20.10 -3.70 4.84
N SER A 333 19.92 -3.30 3.59
CA SER A 333 18.58 -2.93 3.14
C SER A 333 18.22 -3.73 1.91
N PHE A 334 16.92 -3.97 1.72
CA PHE A 334 16.42 -4.66 0.53
C PHE A 334 16.33 -3.69 -0.65
N VAL A 335 16.63 -4.19 -1.84
CA VAL A 335 16.48 -3.42 -3.07
C VAL A 335 15.39 -4.05 -3.92
N GLU A 336 14.34 -3.27 -4.18
CA GLU A 336 13.22 -3.71 -5.00
C GLU A 336 13.69 -4.00 -6.43
N ARG A 337 13.19 -5.09 -7.00
CA ARG A 337 13.52 -5.48 -8.37
C ARG A 337 12.25 -5.56 -9.20
N ASP A 338 12.37 -5.24 -10.49
CA ASP A 338 11.26 -5.37 -11.41
C ASP A 338 11.17 -6.84 -11.82
N LEU A 339 10.63 -7.65 -10.92
CA LEU A 339 10.49 -9.09 -11.11
C LEU A 339 9.03 -9.43 -10.79
N PRO A 340 8.48 -10.50 -11.40
CA PRO A 340 7.15 -10.94 -10.97
C PRO A 340 7.09 -11.17 -9.47
N LYS A 341 5.99 -10.73 -8.84
CA LYS A 341 5.79 -10.84 -7.40
C LYS A 341 4.46 -11.51 -7.13
N THR A 342 4.30 -12.06 -5.93
CA THR A 342 3.01 -12.58 -5.49
C THR A 342 2.24 -11.43 -4.83
N ALA A 343 1.02 -11.71 -4.38
CA ALA A 343 0.22 -10.75 -3.62
C ALA A 343 0.86 -10.37 -2.28
N MET A 344 1.85 -11.15 -1.85
CA MET A 344 2.64 -10.78 -0.67
C MET A 344 3.66 -9.68 -0.98
N GLY A 345 3.89 -9.41 -2.27
CA GLY A 345 4.99 -8.54 -2.68
C GLY A 345 6.33 -9.26 -2.76
N TRP A 346 6.28 -10.59 -2.71
CA TRP A 346 7.45 -11.45 -2.69
C TRP A 346 7.90 -11.79 -4.12
N GLU A 347 9.13 -11.41 -4.48
CA GLU A 347 9.70 -11.72 -5.80
C GLU A 347 9.78 -13.23 -6.04
N ILE A 348 9.31 -13.65 -7.22
CA ILE A 348 9.30 -15.06 -7.61
C ILE A 348 10.66 -15.40 -8.20
N VAL A 349 11.46 -16.16 -7.46
CA VAL A 349 12.82 -16.51 -7.90
C VAL A 349 13.03 -18.00 -7.73
N PRO A 350 12.54 -18.82 -8.69
CA PRO A 350 12.57 -20.28 -8.52
C PRO A 350 13.95 -20.89 -8.27
N GLU A 351 15.02 -20.32 -8.85
CA GLU A 351 16.36 -20.88 -8.68
C GLU A 351 16.83 -20.84 -7.21
N GLY A 352 16.17 -19.99 -6.43
CA GLY A 352 16.41 -19.89 -4.98
C GLY A 352 16.20 -21.19 -4.22
N ILE A 353 15.19 -21.95 -4.59
CA ILE A 353 14.92 -23.21 -3.91
C ILE A 353 16.03 -24.25 -4.22
N TYR A 354 16.56 -24.20 -5.44
CA TYR A 354 17.71 -25.03 -5.81
C TYR A 354 18.97 -24.62 -5.04
N TRP A 355 19.24 -23.31 -4.97
CA TRP A 355 20.36 -22.76 -4.22
C TRP A 355 20.36 -23.16 -2.74
N ILE A 356 19.22 -22.97 -2.07
CA ILE A 356 19.17 -23.26 -0.64
C ILE A 356 19.36 -24.77 -0.35
N LEU A 357 18.87 -25.61 -1.25
CA LEU A 357 19.07 -27.05 -1.14
C LEU A 357 20.51 -27.48 -1.33
N LYS A 358 21.15 -26.94 -2.36
CA LYS A 358 22.58 -27.17 -2.59
C LYS A 358 23.40 -26.63 -1.41
N LYS A 359 23.08 -25.41 -0.99
CA LYS A 359 23.81 -24.73 0.07
C LYS A 359 23.72 -25.47 1.42
N VAL A 360 22.53 -25.97 1.79
CA VAL A 360 22.40 -26.74 3.04
C VAL A 360 23.25 -28.03 3.03
N LYS A 361 23.26 -28.76 1.89
CA LYS A 361 24.12 -29.95 1.77
C LYS A 361 25.58 -29.52 1.90
N GLU A 362 25.94 -28.45 1.21
CA GLU A 362 27.32 -28.01 1.17
C GLU A 362 27.81 -27.56 2.53
N GLU A 363 26.94 -26.92 3.32
CA GLU A 363 27.39 -26.35 4.58
C GLU A 363 27.28 -27.26 5.77
N TYR A 364 26.20 -28.04 5.83
CA TYR A 364 25.94 -28.89 7.01
C TYR A 364 25.75 -30.37 6.69
N ASN A 365 25.50 -30.68 5.42
CA ASN A 365 25.30 -32.06 4.96
C ASN A 365 24.29 -32.89 5.80
N PRO A 366 23.07 -32.36 6.01
CA PRO A 366 22.16 -33.14 6.86
C PRO A 366 21.80 -34.48 6.16
N PRO A 367 21.51 -35.54 6.95
CA PRO A 367 21.21 -36.82 6.29
C PRO A 367 19.94 -36.79 5.40
N GLU A 368 18.91 -36.07 5.83
CA GLU A 368 17.69 -35.89 5.02
C GLU A 368 17.30 -34.41 4.98
N VAL A 369 16.72 -33.99 3.85
CA VAL A 369 16.12 -32.67 3.76
C VAL A 369 14.68 -32.83 3.25
N TYR A 370 13.81 -31.93 3.70
CA TYR A 370 12.47 -31.80 3.15
C TYR A 370 12.24 -30.34 2.86
N ILE A 371 11.54 -30.07 1.77
CA ILE A 371 10.95 -28.76 1.58
C ILE A 371 9.60 -28.85 2.29
N THR A 372 9.51 -28.19 3.44
CA THR A 372 8.34 -28.30 4.34
C THR A 372 7.26 -27.23 4.08
N GLU A 373 7.63 -26.24 3.27
CA GLU A 373 6.71 -25.25 2.70
C GLU A 373 7.28 -24.63 1.44
N ASN A 374 6.42 -24.51 0.43
CA ASN A 374 6.66 -23.69 -0.77
C ASN A 374 5.28 -23.43 -1.35
N GLY A 375 5.01 -22.21 -1.74
CA GLY A 375 3.69 -21.88 -2.27
C GLY A 375 3.62 -20.40 -2.56
N ALA A 376 2.45 -19.89 -2.89
CA ALA A 376 2.30 -18.46 -3.24
C ALA A 376 0.90 -17.96 -3.00
N ALA A 377 0.81 -16.68 -2.65
CA ALA A 377 -0.45 -15.99 -2.46
C ALA A 377 -0.74 -15.19 -3.71
N PHE A 378 -1.93 -15.43 -4.28
CA PHE A 378 -2.41 -14.67 -5.44
C PHE A 378 -3.83 -14.31 -5.14
N ASP A 379 -4.35 -13.25 -5.77
CA ASP A 379 -5.72 -12.88 -5.47
C ASP A 379 -6.69 -13.70 -6.32
N ASP A 380 -6.94 -14.90 -5.84
CA ASP A 380 -7.85 -15.86 -6.44
C ASP A 380 -9.31 -15.41 -6.43
N VAL A 381 -9.93 -15.61 -7.58
CA VAL A 381 -11.37 -15.41 -7.77
C VAL A 381 -11.99 -16.70 -8.29
N VAL A 382 -13.22 -16.96 -7.86
CA VAL A 382 -14.03 -18.02 -8.45
C VAL A 382 -14.69 -17.43 -9.71
N SER A 383 -14.34 -17.99 -10.86
CA SER A 383 -14.89 -17.57 -12.15
CA SER A 383 -14.90 -17.52 -12.12
C SER A 383 -16.35 -18.00 -12.27
N GLU A 384 -17.04 -17.53 -13.32
CA GLU A 384 -18.43 -17.90 -13.54
C GLU A 384 -18.62 -19.41 -13.74
N ASP A 385 -17.57 -20.10 -14.18
CA ASP A 385 -17.62 -21.55 -14.37
C ASP A 385 -17.47 -22.40 -13.07
N GLY A 386 -17.41 -21.73 -11.92
CA GLY A 386 -17.31 -22.41 -10.63
C GLY A 386 -15.88 -22.81 -10.27
N ARG A 387 -14.93 -22.47 -11.14
CA ARG A 387 -13.54 -22.86 -11.02
C ARG A 387 -12.60 -21.73 -10.58
N VAL A 388 -11.44 -22.09 -10.02
CA VAL A 388 -10.42 -21.09 -9.70
C VAL A 388 -9.22 -21.28 -10.61
N HIS A 389 -9.11 -20.42 -11.63
CA HIS A 389 -8.10 -20.60 -12.65
C HIS A 389 -6.77 -19.95 -12.26
N ASP A 390 -6.11 -20.52 -11.27
CA ASP A 390 -4.86 -19.96 -10.76
C ASP A 390 -3.63 -20.46 -11.50
N GLN A 391 -3.50 -20.04 -12.76
CA GLN A 391 -2.37 -20.45 -13.59
C GLN A 391 -1.08 -19.87 -13.04
N ASN A 392 -1.17 -18.68 -12.44
CA ASN A 392 -0.01 -18.07 -11.77
C ASN A 392 0.61 -18.96 -10.68
N ARG A 393 -0.26 -19.63 -9.90
CA ARG A 393 0.20 -20.54 -8.84
C ARG A 393 0.73 -21.85 -9.44
N ILE A 394 0.06 -22.37 -10.48
CA ILE A 394 0.59 -23.53 -11.20
C ILE A 394 2.01 -23.22 -11.66
N ASP A 395 2.21 -22.06 -12.29
CA ASP A 395 3.52 -21.70 -12.89
C ASP A 395 4.60 -21.61 -11.82
N TYR A 396 4.24 -20.95 -10.71
CA TYR A 396 5.08 -20.84 -9.50
C TYR A 396 5.46 -22.22 -8.98
N LEU A 397 4.49 -23.08 -8.70
CA LEU A 397 4.79 -24.40 -8.17
C LEU A 397 5.63 -25.25 -9.14
N LYS A 398 5.23 -25.28 -10.42
CA LYS A 398 5.96 -26.05 -11.43
C LYS A 398 7.43 -25.67 -11.50
N ALA A 399 7.71 -24.38 -11.52
CA ALA A 399 9.09 -23.92 -11.58
C ALA A 399 9.93 -24.34 -10.37
N HIS A 400 9.31 -24.30 -9.18
CA HIS A 400 10.05 -24.60 -7.97
C HIS A 400 10.22 -26.11 -7.82
N ILE A 401 9.18 -26.88 -8.15
CA ILE A 401 9.29 -28.34 -8.16
C ILE A 401 10.42 -28.78 -9.14
N GLY A 402 10.57 -28.05 -10.26
CA GLY A 402 11.63 -28.30 -11.25
C GLY A 402 13.04 -28.05 -10.72
N GLN A 403 13.20 -26.97 -9.96
CA GLN A 403 14.48 -26.64 -9.31
C GLN A 403 14.82 -27.62 -8.20
N ALA A 404 13.80 -28.05 -7.46
CA ALA A 404 13.96 -29.10 -6.45
C ALA A 404 14.40 -30.44 -7.09
N TRP A 405 13.82 -30.76 -8.24
CA TRP A 405 14.23 -31.93 -9.02
C TRP A 405 15.73 -31.86 -9.34
N LYS A 406 16.20 -30.69 -9.78
CA LYS A 406 17.60 -30.46 -10.11
C LYS A 406 18.54 -30.81 -8.96
N ALA A 407 18.26 -30.22 -7.79
CA ALA A 407 18.99 -30.47 -6.56
C ALA A 407 19.07 -31.97 -6.28
N ILE A 408 17.96 -32.69 -6.47
CA ILE A 408 17.98 -34.15 -6.31
C ILE A 408 18.96 -34.80 -7.31
N GLN A 409 18.94 -34.36 -8.55
CA GLN A 409 19.81 -34.95 -9.60
C GLN A 409 21.29 -34.73 -9.26
N GLU A 410 21.57 -33.64 -8.53
CA GLU A 410 22.92 -33.30 -8.07
C GLU A 410 23.24 -33.78 -6.65
N GLY A 411 22.45 -34.70 -6.12
CA GLY A 411 22.85 -35.42 -4.90
C GLY A 411 22.33 -34.87 -3.57
N VAL A 412 21.40 -33.93 -3.61
CA VAL A 412 20.80 -33.44 -2.35
C VAL A 412 19.77 -34.47 -1.91
N PRO A 413 19.88 -34.94 -0.66
CA PRO A 413 18.98 -35.97 -0.13
C PRO A 413 17.57 -35.45 0.23
N LEU A 414 16.89 -34.82 -0.75
CA LEU A 414 15.53 -34.31 -0.57
C LEU A 414 14.55 -35.46 -0.59
N LYS A 415 13.82 -35.65 0.50
CA LYS A 415 12.93 -36.79 0.62
C LYS A 415 11.46 -36.45 0.41
N GLY A 416 11.17 -35.16 0.34
CA GLY A 416 9.76 -34.74 0.27
C GLY A 416 9.58 -33.28 -0.01
N TYR A 417 8.36 -32.89 -0.36
CA TYR A 417 8.07 -31.54 -0.76
C TYR A 417 6.65 -31.25 -0.36
N PHE A 418 6.43 -30.18 0.41
CA PHE A 418 5.09 -29.84 0.95
C PHE A 418 4.60 -28.48 0.42
N VAL A 419 3.44 -28.50 -0.22
CA VAL A 419 2.87 -27.26 -0.72
C VAL A 419 2.24 -26.54 0.49
N TRP A 420 2.63 -25.29 0.68
CA TRP A 420 1.86 -24.38 1.54
C TRP A 420 0.88 -23.62 0.64
N SER A 421 -0.43 -23.79 0.80
CA SER A 421 -1.09 -24.60 1.85
C SER A 421 -2.17 -25.49 1.21
N LEU A 422 -2.61 -26.55 1.91
CA LEU A 422 -3.85 -27.21 1.49
C LEU A 422 -4.97 -26.15 1.22
N LEU A 423 -5.17 -25.27 2.20
CA LEU A 423 -6.31 -24.34 2.22
C LEU A 423 -5.94 -22.88 2.33
N ASP A 424 -6.75 -22.01 1.73
CA ASP A 424 -6.69 -20.59 2.08
C ASP A 424 -6.90 -20.50 3.59
N ASN A 425 -6.18 -19.61 4.27
CA ASN A 425 -6.28 -19.55 5.73
C ASN A 425 -5.90 -18.20 6.29
N PHE A 426 -5.91 -18.11 7.62
CA PHE A 426 -5.48 -16.90 8.34
C PHE A 426 -3.98 -16.67 8.18
N GLU A 427 -3.62 -15.66 7.40
CA GLU A 427 -2.21 -15.41 7.14
C GLU A 427 -1.60 -14.42 8.16
N TRP A 428 -1.60 -14.85 9.43
CA TRP A 428 -0.98 -14.06 10.51
C TRP A 428 -1.42 -12.60 10.46
N ALA A 429 -0.48 -11.66 10.52
CA ALA A 429 -0.79 -10.23 10.56
C ALA A 429 -1.49 -9.68 9.29
N GLU A 430 -1.51 -10.46 8.20
CA GLU A 430 -2.24 -10.11 6.98
C GLU A 430 -3.71 -10.56 7.04
N GLY A 431 -4.06 -11.34 8.07
CA GLY A 431 -5.37 -11.94 8.19
C GLY A 431 -5.76 -12.79 6.96
N TYR A 432 -7.05 -12.78 6.62
CA TYR A 432 -7.60 -13.55 5.50
C TYR A 432 -7.34 -12.96 4.10
N SER A 433 -6.67 -11.80 4.06
CA SER A 433 -6.46 -11.07 2.81
C SER A 433 -5.45 -11.75 1.86
N LYS A 434 -4.71 -12.74 2.35
CA LYS A 434 -3.74 -13.50 1.53
C LYS A 434 -4.08 -14.99 1.44
N ARG A 435 -4.34 -15.43 0.22
CA ARG A 435 -4.78 -16.79 -0.06
C ARG A 435 -3.62 -17.62 -0.64
N PHE A 436 -3.18 -18.63 0.11
CA PHE A 436 -2.10 -19.52 -0.30
C PHE A 436 -2.57 -20.93 -0.66
N GLY A 437 -3.85 -21.21 -0.53
CA GLY A 437 -4.31 -22.57 -0.72
C GLY A 437 -4.24 -23.05 -2.16
N ILE A 438 -4.26 -24.37 -2.31
CA ILE A 438 -4.49 -25.02 -3.60
C ILE A 438 -5.98 -25.40 -3.57
N VAL A 439 -6.61 -25.11 -2.44
CA VAL A 439 -8.04 -25.26 -2.26
C VAL A 439 -8.54 -23.91 -1.75
N TYR A 440 -9.50 -23.36 -2.48
CA TYR A 440 -10.14 -22.11 -2.14
C TYR A 440 -11.17 -22.30 -1.04
N VAL A 441 -11.17 -21.38 -0.08
CA VAL A 441 -12.18 -21.39 0.98
C VAL A 441 -13.01 -20.09 0.87
N ASP A 442 -14.32 -20.29 0.68
CA ASP A 442 -15.27 -19.22 0.74
C ASP A 442 -15.67 -19.11 2.20
N TYR A 443 -15.21 -18.04 2.84
CA TYR A 443 -15.34 -17.93 4.31
C TYR A 443 -16.76 -17.67 4.76
N SER A 444 -17.62 -17.20 3.85
CA SER A 444 -19.02 -16.94 4.23
C SER A 444 -19.84 -18.23 4.37
N THR A 445 -19.46 -19.27 3.62
CA THR A 445 -20.16 -20.56 3.67
C THR A 445 -19.27 -21.71 4.14
N GLN A 446 -17.96 -21.46 4.25
CA GLN A 446 -16.94 -22.48 4.48
C GLN A 446 -16.79 -23.53 3.36
N LYS A 447 -17.34 -23.23 2.18
CA LYS A 447 -17.21 -24.15 1.05
C LYS A 447 -15.76 -24.18 0.57
N ARG A 448 -15.28 -25.38 0.25
CA ARG A 448 -13.96 -25.59 -0.33
C ARG A 448 -14.15 -25.83 -1.82
N ILE A 449 -13.37 -25.11 -2.63
CA ILE A 449 -13.35 -25.27 -4.06
C ILE A 449 -11.92 -25.60 -4.44
N VAL A 450 -11.66 -26.83 -4.91
CA VAL A 450 -10.28 -27.18 -5.34
C VAL A 450 -9.87 -26.27 -6.51
N LYS A 451 -8.72 -25.62 -6.40
CA LYS A 451 -8.25 -24.69 -7.43
C LYS A 451 -7.57 -25.48 -8.55
N ASP A 452 -7.37 -24.82 -9.69
CA ASP A 452 -6.68 -25.48 -10.82
C ASP A 452 -5.35 -26.04 -10.34
N SER A 453 -4.67 -25.29 -9.47
CA SER A 453 -3.36 -25.68 -8.91
C SER A 453 -3.44 -26.97 -8.08
N GLY A 454 -4.53 -27.18 -7.35
CA GLY A 454 -4.74 -28.45 -6.62
C GLY A 454 -4.90 -29.62 -7.60
N TYR A 455 -5.65 -29.40 -8.69
CA TYR A 455 -5.83 -30.49 -9.64
C TYR A 455 -4.51 -30.80 -10.32
N TRP A 456 -3.81 -29.73 -10.70
CA TRP A 456 -2.50 -29.84 -11.31
C TRP A 456 -1.53 -30.58 -10.38
N TYR A 457 -1.49 -30.19 -9.12
CA TYR A 457 -0.59 -30.84 -8.15
C TYR A 457 -0.91 -32.31 -7.99
N SER A 458 -2.19 -32.64 -7.97
CA SER A 458 -2.63 -34.02 -7.82
C SER A 458 -2.04 -34.90 -8.93
N ASN A 459 -1.92 -34.32 -10.12
CA ASN A 459 -1.44 -35.06 -11.27
C ASN A 459 0.07 -35.21 -11.13
N VAL A 460 0.72 -34.18 -10.63
CA VAL A 460 2.15 -34.28 -10.28
C VAL A 460 2.39 -35.44 -9.30
N VAL A 461 1.61 -35.52 -8.23
CA VAL A 461 1.80 -36.55 -7.25
C VAL A 461 1.58 -37.96 -7.82
N LYS A 462 0.47 -38.13 -8.55
CA LYS A 462 0.13 -39.38 -9.27
C LYS A 462 1.26 -39.83 -10.21
N ASN A 463 1.79 -38.89 -10.99
CA ASN A 463 2.91 -39.18 -11.90
C ASN A 463 4.28 -39.25 -11.19
N ASN A 464 4.30 -38.89 -9.91
CA ASN A 464 5.56 -38.75 -9.15
C ASN A 464 6.55 -37.78 -9.79
N GLY A 465 6.03 -36.73 -10.41
CA GLY A 465 6.85 -35.64 -10.97
C GLY A 465 6.20 -34.83 -12.08
N LEU A 466 7.02 -34.06 -12.79
CA LEU A 466 6.59 -33.14 -13.83
C LEU A 466 6.74 -33.79 -15.22
N GLU A 467 5.89 -33.41 -16.17
CA GLU A 467 5.93 -34.05 -17.49
C GLU A 467 6.20 -33.10 -18.64
N ASP A 468 5.58 -31.91 -18.63
CA ASP A 468 5.84 -30.91 -19.69
C ASP A 468 6.43 -29.61 -19.16
N VAL B 25 2.33 -2.15 3.67
CA VAL B 25 3.14 -2.07 2.40
C VAL B 25 3.68 -0.66 2.15
N LYS B 26 2.78 0.31 1.91
CA LYS B 26 3.20 1.69 1.64
C LYS B 26 2.52 2.69 2.56
N LYS B 27 3.20 3.00 3.67
CA LYS B 27 2.63 3.87 4.69
C LYS B 27 3.22 5.26 4.61
N PHE B 28 2.35 6.26 4.81
CA PHE B 28 2.74 7.65 4.67
C PHE B 28 3.16 8.16 6.05
N PRO B 29 3.88 9.30 6.09
CA PRO B 29 4.27 9.92 7.35
C PRO B 29 3.09 10.12 8.25
N GLU B 30 3.37 10.25 9.55
CA GLU B 30 2.33 10.51 10.51
C GLU B 30 1.81 11.92 10.27
N GLY B 31 0.50 12.06 10.41
CA GLY B 31 -0.16 13.36 10.25
C GLY B 31 -0.36 13.78 8.80
N PHE B 32 -0.01 12.89 7.87
CA PHE B 32 -0.28 13.10 6.46
C PHE B 32 -1.77 13.35 6.25
N LEU B 33 -2.11 14.36 5.46
CA LEU B 33 -3.50 14.79 5.32
C LEU B 33 -4.14 14.21 4.06
N TRP B 34 -5.20 13.43 4.24
CA TRP B 34 -5.92 12.83 3.13
C TRP B 34 -7.20 13.58 2.87
N GLY B 35 -7.37 14.06 1.63
CA GLY B 35 -8.50 14.91 1.32
C GLY B 35 -9.30 14.53 0.11
N VAL B 36 -10.42 15.24 -0.06
CA VAL B 36 -11.16 15.30 -1.31
C VAL B 36 -11.31 16.78 -1.72
N ALA B 37 -11.53 17.01 -3.01
CA ALA B 37 -11.56 18.39 -3.55
C ALA B 37 -12.80 18.64 -4.42
N THR B 38 -13.36 19.85 -4.31
CA THR B 38 -14.43 20.34 -5.20
C THR B 38 -14.14 21.82 -5.58
N ALA B 39 -14.98 22.40 -6.43
CA ALA B 39 -14.96 23.84 -6.70
C ALA B 39 -16.40 24.39 -6.74
N SER B 40 -16.63 25.60 -6.26
CA SER B 40 -17.96 26.20 -6.20
C SER B 40 -18.84 26.08 -7.46
N TYR B 41 -18.36 26.59 -8.60
CA TYR B 41 -19.22 26.58 -9.78
C TYR B 41 -19.48 25.16 -10.29
N GLN B 42 -18.56 24.24 -9.98
CA GLN B 42 -18.68 22.91 -10.54
C GLN B 42 -19.77 22.07 -9.83
N ILE B 43 -20.05 22.40 -8.57
CA ILE B 43 -20.94 21.60 -7.74
C ILE B 43 -22.19 22.28 -7.25
N GLU B 44 -22.15 23.61 -7.11
CA GLU B 44 -23.17 24.33 -6.30
C GLU B 44 -24.56 24.51 -6.92
N GLY B 45 -24.62 25.02 -8.16
CA GLY B 45 -25.88 25.46 -8.73
C GLY B 45 -26.38 26.67 -7.99
N SER B 46 -27.57 27.14 -8.35
CA SER B 46 -28.14 28.37 -7.75
C SER B 46 -27.14 29.53 -7.79
N PRO B 47 -26.49 29.76 -8.97
CA PRO B 47 -25.41 30.77 -9.02
C PRO B 47 -25.90 32.20 -8.66
N LEU B 48 -27.19 32.44 -8.85
CA LEU B 48 -27.80 33.74 -8.60
C LEU B 48 -28.74 33.73 -7.39
N ALA B 49 -28.81 32.62 -6.65
CA ALA B 49 -29.65 32.60 -5.44
C ALA B 49 -29.09 33.55 -4.39
N ASP B 50 -29.99 34.11 -3.57
CA ASP B 50 -29.59 34.87 -2.37
C ASP B 50 -28.64 36.04 -2.62
N GLY B 51 -28.91 36.74 -3.72
CA GLY B 51 -28.28 38.03 -3.94
C GLY B 51 -26.90 37.95 -4.57
N ALA B 52 -26.52 36.75 -5.00
CA ALA B 52 -25.24 36.54 -5.71
C ALA B 52 -25.21 37.28 -7.06
N GLY B 53 -24.05 37.89 -7.35
CA GLY B 53 -23.81 38.43 -8.70
C GLY B 53 -23.46 37.32 -9.65
N MET B 54 -23.59 37.57 -10.96
CA MET B 54 -23.18 36.61 -11.98
C MET B 54 -21.66 36.48 -11.95
N SER B 55 -21.21 35.29 -12.35
CA SER B 55 -19.79 35.02 -12.57
C SER B 55 -19.56 34.96 -14.06
N ILE B 56 -18.28 34.98 -14.45
CA ILE B 56 -17.91 34.80 -15.85
C ILE B 56 -18.27 33.41 -16.33
N TRP B 57 -18.36 32.42 -15.44
CA TRP B 57 -18.77 31.08 -15.92
C TRP B 57 -20.28 30.95 -16.17
N HIS B 58 -21.09 31.73 -15.48
CA HIS B 58 -22.52 31.81 -15.74
C HIS B 58 -22.74 32.36 -17.18
N THR B 59 -22.14 33.51 -17.47
CA THR B 59 -22.29 34.17 -18.77
C THR B 59 -21.64 33.40 -19.89
N PHE B 60 -20.47 32.81 -19.63
CA PHE B 60 -19.76 31.96 -20.63
C PHE B 60 -20.57 30.71 -21.00
N SER B 61 -21.09 30.01 -19.98
CA SER B 61 -21.79 28.75 -20.25
C SER B 61 -23.19 29.03 -20.79
N HIS B 62 -23.75 30.20 -20.45
CA HIS B 62 -25.04 30.64 -21.04
C HIS B 62 -24.90 31.25 -22.42
N THR B 63 -23.67 31.25 -22.93
CA THR B 63 -23.40 31.61 -24.33
C THR B 63 -23.42 30.35 -25.19
N PRO B 64 -24.27 30.32 -26.23
CA PRO B 64 -24.36 29.14 -27.08
C PRO B 64 -23.02 28.77 -27.74
N GLY B 65 -22.65 27.51 -27.70
CA GLY B 65 -21.48 27.05 -28.45
C GLY B 65 -20.24 26.90 -27.61
N ASN B 66 -20.28 27.41 -26.37
CA ASN B 66 -19.11 27.41 -25.50
C ASN B 66 -18.91 26.15 -24.65
N VAL B 67 -20.00 25.49 -24.30
CA VAL B 67 -19.95 24.29 -23.46
C VAL B 67 -20.72 23.11 -24.14
N LYS B 68 -20.12 21.93 -24.10
CA LYS B 68 -20.69 20.71 -24.69
C LYS B 68 -22.16 20.57 -24.26
N ASN B 69 -23.03 20.19 -25.20
CA ASN B 69 -24.46 19.94 -24.93
C ASN B 69 -25.20 21.13 -24.36
N GLY B 70 -24.60 22.32 -24.40
CA GLY B 70 -25.21 23.51 -23.76
C GLY B 70 -25.30 23.46 -22.24
N ASP B 71 -24.45 22.66 -21.59
CA ASP B 71 -24.53 22.53 -20.12
C ASP B 71 -24.12 23.82 -19.43
N THR B 72 -24.70 24.04 -18.25
CA THR B 72 -24.37 25.20 -17.43
C THR B 72 -24.23 24.73 -16.01
N GLY B 73 -23.80 25.62 -15.12
CA GLY B 73 -23.77 25.29 -13.70
C GLY B 73 -24.98 25.80 -12.93
N ASP B 74 -26.11 26.00 -13.62
CA ASP B 74 -27.34 26.49 -13.01
C ASP B 74 -27.81 25.58 -11.88
N VAL B 75 -27.65 24.27 -12.07
CA VAL B 75 -28.09 23.28 -11.07
C VAL B 75 -26.89 22.49 -10.55
N ALA B 76 -26.12 21.92 -11.47
CA ALA B 76 -24.96 21.10 -11.15
C ALA B 76 -25.36 19.96 -10.19
N CYS B 77 -24.69 19.86 -9.04
CA CYS B 77 -24.99 18.84 -8.00
C CYS B 77 -25.95 19.36 -6.96
N ASP B 78 -26.42 20.60 -7.14
CA ASP B 78 -27.30 21.28 -6.17
C ASP B 78 -26.70 21.19 -4.77
N HIS B 79 -25.37 21.32 -4.70
CA HIS B 79 -24.67 21.39 -3.41
C HIS B 79 -25.01 22.66 -2.64
N TYR B 80 -25.54 23.68 -3.32
CA TYR B 80 -26.06 24.86 -2.62
C TYR B 80 -27.18 24.48 -1.64
N ASN B 81 -27.91 23.43 -2.00
CA ASN B 81 -28.98 22.94 -1.12
C ASN B 81 -28.56 21.71 -0.30
N ARG B 82 -27.74 20.85 -0.88
CA ARG B 82 -27.46 19.53 -0.33
C ARG B 82 -26.09 19.44 0.29
N TRP B 83 -25.57 20.58 0.74
CA TRP B 83 -24.21 20.65 1.29
C TRP B 83 -24.06 19.67 2.48
N LYS B 84 -25.11 19.59 3.31
CA LYS B 84 -25.08 18.76 4.54
C LYS B 84 -24.82 17.29 4.26
N GLU B 85 -25.66 16.67 3.43
CA GLU B 85 -25.47 15.28 3.00
C GLU B 85 -24.05 15.06 2.50
N ASP B 86 -23.61 15.93 1.59
CA ASP B 86 -22.30 15.82 0.94
C ASP B 86 -21.15 15.78 1.96
N ILE B 87 -21.21 16.65 2.95
CA ILE B 87 -20.22 16.68 4.05
C ILE B 87 -20.36 15.42 4.95
N GLU B 88 -21.59 14.99 5.18
CA GLU B 88 -21.81 13.73 5.91
C GLU B 88 -21.16 12.56 5.20
N ILE B 89 -21.13 12.57 3.85
CA ILE B 89 -20.44 11.53 3.06
C ILE B 89 -18.93 11.55 3.27
N ILE B 90 -18.37 12.76 3.36
CA ILE B 90 -16.97 12.91 3.67
C ILE B 90 -16.76 12.30 5.05
N GLU B 91 -17.64 12.67 5.98
CA GLU B 91 -17.55 12.18 7.37
C GLU B 91 -17.69 10.64 7.43
N LYS B 92 -18.79 10.11 6.90
CA LYS B 92 -19.00 8.65 6.82
C LYS B 92 -17.87 7.91 6.09
N LEU B 93 -17.08 8.64 5.28
CA LEU B 93 -15.92 8.05 4.60
C LEU B 93 -14.64 8.20 5.40
N GLY B 94 -14.69 8.97 6.49
CA GLY B 94 -13.51 9.23 7.32
C GLY B 94 -12.46 10.13 6.68
N VAL B 95 -12.78 10.72 5.52
CA VAL B 95 -11.81 11.57 4.81
C VAL B 95 -11.55 12.75 5.73
N LYS B 96 -10.28 13.14 5.87
CA LYS B 96 -9.95 14.10 6.93
C LYS B 96 -9.81 15.57 6.50
N ALA B 97 -9.62 15.83 5.20
CA ALA B 97 -9.64 17.24 4.72
C ALA B 97 -10.59 17.42 3.53
N TYR B 98 -11.17 18.62 3.42
CA TYR B 98 -12.00 18.97 2.27
C TYR B 98 -11.46 20.27 1.67
N ARG B 99 -11.03 20.16 0.41
CA ARG B 99 -10.59 21.33 -0.38
C ARG B 99 -11.80 21.80 -1.14
N PHE B 100 -12.26 23.02 -0.85
CA PHE B 100 -13.40 23.58 -1.57
C PHE B 100 -13.15 25.05 -1.93
N SER B 101 -13.89 25.56 -2.92
CA SER B 101 -13.72 26.97 -3.27
C SER B 101 -14.88 27.85 -2.89
N ILE B 102 -14.57 29.12 -2.67
CA ILE B 102 -15.56 30.10 -2.39
C ILE B 102 -15.87 30.88 -3.70
N SER B 103 -17.16 31.05 -3.97
CA SER B 103 -17.63 31.83 -5.12
C SER B 103 -17.53 33.33 -4.81
N TRP B 104 -16.54 33.99 -5.42
CA TRP B 104 -16.36 35.44 -5.29
C TRP B 104 -17.67 36.27 -5.40
N PRO B 105 -18.46 36.10 -6.49
CA PRO B 105 -19.67 36.94 -6.58
C PRO B 105 -20.85 36.61 -5.64
N ARG B 106 -20.75 35.51 -4.87
CA ARG B 106 -21.67 35.30 -3.74
C ARG B 106 -21.30 36.22 -2.59
N ILE B 107 -20.02 36.52 -2.43
CA ILE B 107 -19.51 37.31 -1.32
C ILE B 107 -19.56 38.80 -1.65
N LEU B 108 -19.13 39.14 -2.86
CA LEU B 108 -19.11 40.52 -3.34
C LEU B 108 -19.74 40.51 -4.71
N PRO B 109 -21.07 40.71 -4.79
CA PRO B 109 -21.75 40.54 -6.08
C PRO B 109 -21.26 41.48 -7.20
N GLU B 110 -20.75 42.67 -6.84
CA GLU B 110 -20.13 43.60 -7.79
C GLU B 110 -18.62 43.44 -7.84
N GLY B 111 -18.09 42.34 -7.31
CA GLY B 111 -16.62 42.15 -7.25
C GLY B 111 -15.94 42.92 -6.12
N THR B 112 -16.31 44.17 -5.93
CA THR B 112 -15.80 44.97 -4.82
C THR B 112 -16.98 45.65 -4.12
N GLY B 113 -16.77 46.19 -2.93
CA GLY B 113 -17.77 47.04 -2.29
C GLY B 113 -18.69 46.29 -1.34
N ARG B 114 -19.98 46.26 -1.67
CA ARG B 114 -21.01 45.65 -0.80
C ARG B 114 -20.80 44.16 -0.55
N VAL B 115 -20.63 43.76 0.71
CA VAL B 115 -20.55 42.33 1.07
C VAL B 115 -21.94 41.70 1.21
N ASN B 116 -22.12 40.52 0.63
CA ASN B 116 -23.42 39.83 0.67
C ASN B 116 -23.45 38.88 1.88
N GLN B 117 -24.26 39.25 2.88
CA GLN B 117 -24.32 38.53 4.15
C GLN B 117 -24.72 37.07 3.97
N LYS B 118 -25.67 36.81 3.08
CA LYS B 118 -26.11 35.47 2.81
C LYS B 118 -25.05 34.56 2.18
N GLY B 119 -24.09 35.17 1.48
CA GLY B 119 -22.99 34.41 0.89
C GLY B 119 -22.04 34.04 1.99
N LEU B 120 -21.82 34.97 2.92
CA LEU B 120 -21.09 34.65 4.16
C LEU B 120 -21.75 33.48 4.94
N ASP B 121 -23.07 33.55 5.09
CA ASP B 121 -23.83 32.50 5.79
C ASP B 121 -23.61 31.15 5.14
N PHE B 122 -23.76 31.06 3.82
CA PHE B 122 -23.65 29.78 3.13
C PHE B 122 -22.34 29.08 3.44
N TYR B 123 -21.22 29.82 3.35
CA TYR B 123 -19.92 29.22 3.62
C TYR B 123 -19.66 29.06 5.13
N ASN B 124 -20.16 29.96 5.97
CA ASN B 124 -19.95 29.80 7.43
C ASN B 124 -20.58 28.51 7.98
N ARG B 125 -21.79 28.16 7.52
CA ARG B 125 -22.41 26.88 7.86
C ARG B 125 -21.58 25.69 7.39
N ILE B 126 -20.97 25.80 6.21
CA ILE B 126 -20.15 24.72 5.69
C ILE B 126 -18.88 24.53 6.53
N ILE B 127 -18.23 25.65 6.85
CA ILE B 127 -17.02 25.69 7.68
C ILE B 127 -17.30 25.10 9.09
N ASP B 128 -18.37 25.58 9.72
CA ASP B 128 -18.74 25.09 11.07
C ASP B 128 -18.98 23.59 11.09
N THR B 129 -19.74 23.08 10.13
CA THR B 129 -20.03 21.64 9.99
C THR B 129 -18.77 20.78 9.81
N LEU B 130 -17.91 21.15 8.85
CA LEU B 130 -16.59 20.52 8.71
C LEU B 130 -15.79 20.47 10.03
N LEU B 131 -15.75 21.58 10.78
CA LEU B 131 -14.98 21.63 12.02
C LEU B 131 -15.65 20.84 13.15
N GLU B 132 -16.98 20.83 13.13
CA GLU B 132 -17.80 20.02 14.03
C GLU B 132 -17.43 18.55 13.87
N LYS B 133 -17.21 18.13 12.62
CA LYS B 133 -16.98 16.74 12.32
C LYS B 133 -15.51 16.35 12.20
N GLY B 134 -14.62 17.23 12.65
CA GLY B 134 -13.19 16.98 12.59
C GLY B 134 -12.60 16.84 11.19
N ILE B 135 -13.18 17.53 10.20
CA ILE B 135 -12.61 17.58 8.83
C ILE B 135 -11.92 18.93 8.62
N THR B 136 -10.63 18.93 8.24
CA THR B 136 -9.87 20.19 8.03
C THR B 136 -10.21 20.86 6.66
N PRO B 137 -10.70 22.11 6.71
CA PRO B 137 -10.97 22.83 5.44
C PRO B 137 -9.70 23.42 4.80
N PHE B 138 -9.53 23.16 3.51
CA PHE B 138 -8.63 23.93 2.64
C PHE B 138 -9.48 24.80 1.72
N VAL B 139 -9.36 26.13 1.84
CA VAL B 139 -10.20 27.02 1.04
C VAL B 139 -9.43 27.55 -0.17
N THR B 140 -9.99 27.33 -1.36
CA THR B 140 -9.48 27.93 -2.60
C THR B 140 -10.23 29.25 -2.74
N ILE B 141 -9.49 30.35 -2.62
CA ILE B 141 -10.05 31.69 -2.76
C ILE B 141 -10.62 31.85 -4.19
N TYR B 142 -9.84 31.47 -5.19
CA TYR B 142 -10.25 31.64 -6.59
C TYR B 142 -10.14 30.38 -7.43
N HIS B 143 -11.28 29.83 -7.77
CA HIS B 143 -11.34 28.64 -8.62
C HIS B 143 -12.24 28.98 -9.82
N TRP B 144 -11.95 30.17 -10.41
CA TRP B 144 -12.31 30.52 -11.81
C TRP B 144 -13.62 31.28 -11.99
N ASP B 145 -14.43 31.39 -10.93
CA ASP B 145 -15.72 32.09 -11.04
C ASP B 145 -15.62 33.59 -10.74
N LEU B 146 -14.93 34.28 -11.63
CA LEU B 146 -14.72 35.73 -11.48
C LEU B 146 -16.08 36.39 -11.52
N PRO B 147 -16.32 37.40 -10.67
CA PRO B 147 -17.52 38.22 -10.82
C PRO B 147 -17.60 38.86 -12.19
N PHE B 148 -18.72 38.66 -12.88
CA PHE B 148 -18.95 39.31 -14.18
C PHE B 148 -18.69 40.82 -14.15
N ALA B 149 -19.09 41.49 -13.05
CA ALA B 149 -18.85 42.94 -12.87
C ALA B 149 -17.38 43.32 -13.05
N LEU B 150 -16.48 42.45 -12.61
CA LEU B 150 -15.05 42.73 -12.76
C LEU B 150 -14.55 42.38 -14.15
N GLN B 151 -15.16 41.39 -14.82
CA GLN B 151 -14.84 41.11 -16.22
C GLN B 151 -15.17 42.32 -17.12
N LEU B 152 -16.27 43.00 -16.82
CA LEU B 152 -16.65 44.21 -17.56
C LEU B 152 -15.58 45.27 -17.48
N LYS B 153 -14.76 45.23 -16.41
CA LYS B 153 -13.61 46.13 -16.28
CA LYS B 153 -13.61 46.12 -16.23
C LYS B 153 -12.27 45.50 -16.65
N GLY B 154 -12.32 44.42 -17.42
CA GLY B 154 -11.10 43.81 -17.95
C GLY B 154 -10.67 42.54 -17.24
N GLY B 155 -11.27 42.29 -16.06
CA GLY B 155 -10.95 41.07 -15.34
C GLY B 155 -9.46 40.94 -15.13
N TRP B 156 -8.89 39.78 -15.42
CA TRP B 156 -7.47 39.52 -15.17
C TRP B 156 -6.53 40.34 -16.06
N ALA B 157 -7.06 40.95 -17.11
CA ALA B 157 -6.24 41.85 -17.96
C ALA B 157 -5.91 43.17 -17.26
N ASN B 158 -6.68 43.53 -16.24
CA ASN B 158 -6.57 44.87 -15.66
C ASN B 158 -5.68 44.83 -14.43
N ARG B 159 -4.60 45.62 -14.41
CA ARG B 159 -3.69 45.66 -13.22
C ARG B 159 -4.42 45.86 -11.92
N GLU B 160 -5.56 46.57 -11.96
CA GLU B 160 -6.34 46.87 -10.76
CA GLU B 160 -6.35 46.87 -10.77
C GLU B 160 -6.92 45.61 -10.10
N ILE B 161 -6.94 44.49 -10.82
CA ILE B 161 -7.42 43.24 -10.21
C ILE B 161 -6.58 42.86 -8.99
N ALA B 162 -5.33 43.30 -8.90
CA ALA B 162 -4.54 43.02 -7.68
C ALA B 162 -5.19 43.65 -6.44
N ASP B 163 -5.76 44.86 -6.59
CA ASP B 163 -6.52 45.53 -5.52
CA ASP B 163 -6.48 45.51 -5.48
C ASP B 163 -7.83 44.83 -5.22
N TRP B 164 -8.57 44.54 -6.28
CA TRP B 164 -9.86 43.83 -6.17
C TRP B 164 -9.71 42.47 -5.45
N PHE B 165 -8.67 41.73 -5.81
CA PHE B 165 -8.37 40.43 -5.21
C PHE B 165 -7.94 40.51 -3.75
N ALA B 166 -7.10 41.49 -3.44
CA ALA B 166 -6.68 41.79 -2.07
C ALA B 166 -7.89 42.14 -1.18
N GLU B 167 -8.82 42.94 -1.69
CA GLU B 167 -10.03 43.31 -0.96
C GLU B 167 -10.96 42.09 -0.72
N TYR B 168 -11.18 41.30 -1.76
CA TYR B 168 -11.91 40.05 -1.66
C TYR B 168 -11.25 39.09 -0.65
N SER B 169 -9.95 38.90 -0.77
CA SER B 169 -9.17 38.08 0.13
C SER B 169 -9.28 38.53 1.59
N ARG B 170 -9.10 39.83 1.82
CA ARG B 170 -9.30 40.46 3.12
CA ARG B 170 -9.30 40.42 3.15
C ARG B 170 -10.66 40.08 3.73
N VAL B 171 -11.72 40.15 2.91
CA VAL B 171 -13.06 39.83 3.39
C VAL B 171 -13.19 38.36 3.85
N LEU B 172 -12.64 37.45 3.07
CA LEU B 172 -12.62 36.02 3.41
C LEU B 172 -11.79 35.76 4.67
N PHE B 173 -10.61 36.38 4.74
CA PHE B 173 -9.73 36.23 5.90
C PHE B 173 -10.40 36.74 7.17
N GLU B 174 -10.98 37.94 7.10
CA GLU B 174 -11.60 38.54 8.28
C GLU B 174 -12.82 37.74 8.74
N ASN B 175 -13.58 37.20 7.81
CA ASN B 175 -14.80 36.47 8.14
C ASN B 175 -14.60 34.99 8.47
N PHE B 176 -13.64 34.34 7.81
CA PHE B 176 -13.50 32.90 7.92
C PHE B 176 -12.18 32.45 8.55
N GLY B 177 -11.27 33.40 8.76
CA GLY B 177 -9.88 33.08 9.12
C GLY B 177 -9.68 32.59 10.55
N ASP B 178 -10.69 32.82 11.39
CA ASP B 178 -10.70 32.34 12.78
C ASP B 178 -10.81 30.81 12.81
N ARG B 179 -11.47 30.25 11.80
CA ARG B 179 -11.66 28.81 11.71
C ARG B 179 -10.87 28.18 10.57
N VAL B 180 -10.76 28.88 9.43
CA VAL B 180 -9.99 28.33 8.31
C VAL B 180 -8.52 28.77 8.40
N LYS B 181 -7.60 27.80 8.35
CA LYS B 181 -6.18 28.08 8.57
C LYS B 181 -5.31 27.62 7.42
N ASN B 182 -5.94 27.01 6.43
CA ASN B 182 -5.21 26.54 5.26
C ASN B 182 -5.90 27.13 4.02
N TRP B 183 -5.14 27.86 3.22
CA TRP B 183 -5.72 28.72 2.17
C TRP B 183 -4.93 28.57 0.88
N ILE B 184 -5.60 28.74 -0.25
CA ILE B 184 -4.97 28.66 -1.57
C ILE B 184 -5.43 29.95 -2.30
N THR B 185 -4.48 30.75 -2.80
CA THR B 185 -4.90 31.99 -3.47
C THR B 185 -5.62 31.59 -4.75
N LEU B 186 -4.91 30.90 -5.63
CA LEU B 186 -5.41 30.66 -6.98
C LEU B 186 -5.35 29.21 -7.37
N ASN B 187 -6.36 28.77 -8.10
CA ASN B 187 -6.31 27.47 -8.74
C ASN B 187 -5.89 27.54 -10.19
N GLU B 188 -4.77 26.89 -10.53
CA GLU B 188 -4.32 26.70 -11.90
C GLU B 188 -4.31 28.02 -12.74
N PRO B 189 -3.52 29.02 -12.30
CA PRO B 189 -3.47 30.31 -13.00
C PRO B 189 -3.03 30.17 -14.46
N TRP B 190 -2.25 29.14 -14.78
CA TRP B 190 -1.84 28.94 -16.17
C TRP B 190 -3.09 28.78 -17.05
N VAL B 191 -4.05 27.99 -16.55
CA VAL B 191 -5.26 27.68 -17.31
C VAL B 191 -6.14 28.93 -17.38
N VAL B 192 -6.31 29.59 -16.25
CA VAL B 192 -7.07 30.86 -16.17
C VAL B 192 -6.58 31.86 -17.24
N ALA B 193 -5.26 32.03 -17.31
CA ALA B 193 -4.65 32.95 -18.24
C ALA B 193 -4.70 32.43 -19.68
N ILE B 194 -4.07 31.30 -19.92
CA ILE B 194 -3.92 30.82 -21.29
C ILE B 194 -5.17 30.18 -21.88
N VAL B 195 -5.85 29.33 -21.14
CA VAL B 195 -7.01 28.67 -21.75
C VAL B 195 -8.19 29.67 -21.77
N GLY B 196 -8.21 30.59 -20.82
CA GLY B 196 -9.29 31.54 -20.74
C GLY B 196 -9.14 32.74 -21.68
N HIS B 197 -7.88 33.08 -22.00
CA HIS B 197 -7.59 34.33 -22.69
C HIS B 197 -6.76 34.16 -23.97
N LEU B 198 -6.16 32.97 -24.21
CA LEU B 198 -5.44 32.71 -25.46
C LEU B 198 -6.21 31.73 -26.35
N TYR B 199 -6.65 30.62 -25.77
CA TYR B 199 -7.35 29.58 -26.52
C TYR B 199 -8.80 29.91 -26.64
N GLY B 200 -9.32 30.69 -25.71
CA GLY B 200 -10.73 31.09 -25.70
C GLY B 200 -11.70 29.96 -25.33
N VAL B 201 -11.19 28.88 -24.73
CA VAL B 201 -11.97 27.65 -24.41
C VAL B 201 -12.64 27.74 -23.05
N HIS B 202 -12.07 28.55 -22.17
CA HIS B 202 -12.67 28.81 -20.87
C HIS B 202 -13.08 30.27 -20.73
N ALA B 203 -13.94 30.58 -19.78
CA ALA B 203 -14.27 31.97 -19.53
C ALA B 203 -12.98 32.78 -19.20
N PRO B 204 -12.91 34.04 -19.68
CA PRO B 204 -13.93 34.78 -20.45
C PRO B 204 -14.00 34.50 -21.96
N GLY B 205 -13.26 33.52 -22.48
CA GLY B 205 -13.39 33.09 -23.85
C GLY B 205 -12.74 34.01 -24.87
N MET B 206 -11.58 34.56 -24.50
CA MET B 206 -10.82 35.47 -25.35
CA MET B 206 -10.82 35.46 -25.34
C MET B 206 -9.67 34.73 -26.04
N ARG B 207 -9.23 35.27 -27.19
CA ARG B 207 -8.06 34.77 -27.88
C ARG B 207 -7.14 35.93 -28.23
N ASP B 208 -6.28 36.33 -27.28
CA ASP B 208 -5.35 37.40 -27.48
C ASP B 208 -4.10 37.14 -26.61
N ILE B 209 -2.94 36.96 -27.25
CA ILE B 209 -1.75 36.49 -26.55
C ILE B 209 -1.19 37.58 -25.66
N TYR B 210 -1.42 38.83 -26.05
CA TYR B 210 -0.94 39.94 -25.26
C TYR B 210 -1.78 40.02 -24.01
N VAL B 211 -3.09 39.86 -24.14
CA VAL B 211 -3.94 39.82 -22.95
C VAL B 211 -3.59 38.63 -22.02
N ALA B 212 -3.42 37.45 -22.62
CA ALA B 212 -3.12 36.24 -21.88
C ALA B 212 -1.87 36.39 -21.01
N PHE B 213 -0.81 37.00 -21.53
CA PHE B 213 0.42 37.20 -20.70
C PHE B 213 0.29 38.27 -19.64
N ARG B 214 -0.52 39.29 -19.92
CA ARG B 214 -0.85 40.26 -18.87
C ARG B 214 -1.69 39.63 -17.76
N ALA B 215 -2.60 38.73 -18.13
CA ALA B 215 -3.31 37.91 -17.12
C ALA B 215 -2.34 37.04 -16.26
N VAL B 216 -1.37 36.38 -16.89
CA VAL B 216 -0.32 35.65 -16.13
C VAL B 216 0.29 36.54 -15.07
N HIS B 217 0.70 37.73 -15.50
CA HIS B 217 1.39 38.69 -14.65
C HIS B 217 0.50 39.25 -13.56
N ASN B 218 -0.74 39.58 -13.88
CA ASN B 218 -1.67 40.11 -12.88
C ASN B 218 -2.15 39.06 -11.84
N LEU B 219 -2.20 37.81 -12.30
CA LEU B 219 -2.49 36.67 -11.43
C LEU B 219 -1.42 36.60 -10.36
N LEU B 220 -0.15 36.68 -10.76
CA LEU B 220 0.96 36.70 -9.79
C LEU B 220 0.89 37.90 -8.87
N ARG B 221 0.61 39.07 -9.45
CA ARG B 221 0.47 40.28 -8.65
C ARG B 221 -0.66 40.17 -7.62
N ALA B 222 -1.82 39.67 -8.05
CA ALA B 222 -3.00 39.49 -7.18
C ALA B 222 -2.70 38.47 -6.05
N HIS B 223 -2.16 37.32 -6.45
CA HIS B 223 -1.64 36.32 -5.50
C HIS B 223 -0.84 36.93 -4.36
N ALA B 224 0.15 37.75 -4.71
CA ALA B 224 1.12 38.22 -3.74
C ALA B 224 0.49 39.26 -2.83
N ARG B 225 -0.43 40.09 -3.34
CA ARG B 225 -1.20 41.01 -2.49
C ARG B 225 -2.05 40.25 -1.49
N ALA B 226 -2.62 39.14 -1.91
CA ALA B 226 -3.46 38.32 -1.04
C ALA B 226 -2.66 37.70 0.10
N VAL B 227 -1.46 37.20 -0.21
CA VAL B 227 -0.54 36.63 0.80
C VAL B 227 -0.10 37.71 1.78
N LYS B 228 0.24 38.89 1.26
CA LYS B 228 0.53 40.07 2.08
C LYS B 228 -0.61 40.45 3.04
N VAL B 229 -1.86 40.47 2.55
CA VAL B 229 -3.06 40.67 3.39
C VAL B 229 -3.22 39.53 4.41
N PHE B 230 -2.91 38.31 3.98
CA PHE B 230 -3.06 37.13 4.82
C PHE B 230 -2.20 37.25 6.09
N ARG B 231 -0.98 37.76 5.94
CA ARG B 231 -0.07 37.90 7.06
C ARG B 231 -0.61 38.92 8.08
N GLU B 232 -1.35 39.90 7.58
CA GLU B 232 -1.98 40.95 8.39
C GLU B 232 -3.23 40.47 9.13
N THR B 233 -3.84 39.37 8.70
CA THR B 233 -5.20 39.07 9.13
C THR B 233 -5.40 37.67 9.74
N VAL B 234 -4.54 36.72 9.40
CA VAL B 234 -4.75 35.39 9.93
C VAL B 234 -3.53 34.90 10.72
N LYS B 235 -3.76 34.60 12.01
CA LYS B 235 -2.72 34.04 12.88
C LYS B 235 -2.69 32.51 12.78
N ASP B 236 -1.48 31.96 12.80
CA ASP B 236 -1.30 30.52 12.74
C ASP B 236 -2.04 29.93 11.55
N GLY B 237 -1.99 30.65 10.42
CA GLY B 237 -2.56 30.13 9.17
C GLY B 237 -1.45 29.86 8.17
N LYS B 238 -1.74 29.00 7.19
CA LYS B 238 -0.84 28.75 6.08
C LYS B 238 -1.49 29.11 4.72
N ILE B 239 -0.72 29.71 3.83
CA ILE B 239 -1.24 30.07 2.50
C ILE B 239 -0.29 29.59 1.39
N GLY B 240 -0.87 29.07 0.32
CA GLY B 240 -0.13 28.63 -0.86
C GLY B 240 -0.89 28.93 -2.14
N ILE B 241 -0.54 28.21 -3.21
CA ILE B 241 -1.08 28.45 -4.54
C ILE B 241 -1.02 27.14 -5.29
N VAL B 242 -1.98 26.93 -6.19
CA VAL B 242 -2.15 25.63 -6.87
C VAL B 242 -1.86 25.69 -8.37
N PHE B 243 -1.00 24.79 -8.84
CA PHE B 243 -0.66 24.69 -10.26
C PHE B 243 -1.05 23.39 -10.95
N ASN B 244 -1.44 23.50 -12.21
CA ASN B 244 -1.61 22.36 -13.06
C ASN B 244 -0.24 21.95 -13.54
N ASN B 245 -0.06 20.64 -13.75
CA ASN B 245 1.25 20.13 -14.16
C ASN B 245 1.06 18.88 -14.98
N GLY B 246 1.82 18.78 -16.05
CA GLY B 246 1.87 17.56 -16.85
C GLY B 246 3.29 17.00 -16.85
N TYR B 247 3.40 15.69 -16.99
CA TYR B 247 4.69 15.03 -17.12
C TYR B 247 5.00 14.92 -18.61
N PHE B 248 5.86 15.80 -19.09
CA PHE B 248 6.27 15.87 -20.49
C PHE B 248 7.52 15.01 -20.78
N GLU B 249 7.45 14.17 -21.81
CA GLU B 249 8.57 13.36 -22.26
C GLU B 249 8.83 13.65 -23.73
N PRO B 250 10.11 13.61 -24.17
CA PRO B 250 10.42 13.90 -25.57
C PRO B 250 10.05 12.72 -26.47
N ALA B 251 9.65 13.02 -27.71
CA ALA B 251 9.28 11.97 -28.67
C ALA B 251 10.49 11.16 -29.08
N SER B 252 11.64 11.82 -29.16
CA SER B 252 12.89 11.19 -29.52
C SER B 252 14.03 11.74 -28.66
N GLU B 253 15.21 11.15 -28.85
CA GLU B 253 16.43 11.59 -28.19
C GLU B 253 17.09 12.79 -28.88
N LYS B 254 16.46 13.35 -29.91
CA LYS B 254 16.99 14.55 -30.56
C LYS B 254 17.00 15.73 -29.58
N GLU B 255 18.05 16.56 -29.67
CA GLU B 255 18.22 17.66 -28.73
C GLU B 255 17.08 18.68 -28.76
N GLU B 256 16.49 18.89 -29.93
CA GLU B 256 15.40 19.86 -30.08
C GLU B 256 14.10 19.37 -29.45
N ASP B 257 13.94 18.06 -29.34
CA ASP B 257 12.79 17.47 -28.67
C ASP B 257 12.92 17.57 -27.16
N ILE B 258 14.15 17.37 -26.68
CA ILE B 258 14.47 17.45 -25.26
C ILE B 258 14.27 18.89 -24.81
N ARG B 259 14.68 19.85 -25.64
CA ARG B 259 14.47 21.28 -25.37
C ARG B 259 12.98 21.66 -25.36
N ALA B 260 12.22 21.02 -26.25
CA ALA B 260 10.77 21.22 -26.34
C ALA B 260 10.11 20.85 -25.02
N VAL B 261 10.60 19.77 -24.41
CA VAL B 261 10.13 19.34 -23.10
C VAL B 261 10.46 20.40 -22.06
N ARG B 262 11.70 20.91 -22.10
CA ARG B 262 12.16 21.93 -21.18
C ARG B 262 11.23 23.18 -21.27
N PHE B 263 10.90 23.59 -22.51
CA PHE B 263 9.95 24.68 -22.71
C PHE B 263 8.57 24.36 -22.12
N MET B 264 8.08 23.13 -22.32
CA MET B 264 6.75 22.77 -21.86
C MET B 264 6.65 22.77 -20.36
N HIS B 265 7.69 22.23 -19.72
CA HIS B 265 7.79 22.27 -18.25
C HIS B 265 7.82 23.72 -17.77
N GLN B 266 8.66 24.55 -18.37
CA GLN B 266 8.82 25.94 -17.89
C GLN B 266 7.51 26.76 -18.05
N PHE B 267 6.75 26.48 -19.10
CA PHE B 267 5.56 27.25 -19.45
C PHE B 267 4.26 26.67 -18.89
N ASN B 268 4.04 25.37 -19.14
CA ASN B 268 2.80 24.73 -18.72
CA ASN B 268 2.81 24.69 -18.71
C ASN B 268 2.81 24.36 -17.24
N ASN B 269 4.00 24.22 -16.65
CA ASN B 269 4.05 23.72 -15.25
C ASN B 269 4.36 24.83 -14.22
N TYR B 270 4.48 24.46 -12.94
CA TYR B 270 4.80 25.39 -11.84
C TYR B 270 5.93 26.42 -12.10
N PRO B 271 6.99 26.11 -12.90
CA PRO B 271 8.03 27.15 -13.04
C PRO B 271 7.53 28.53 -13.51
N LEU B 272 6.48 28.57 -14.34
CA LEU B 272 6.04 29.86 -14.91
C LEU B 272 5.74 30.82 -13.78
N PHE B 273 5.25 30.28 -12.66
CA PHE B 273 4.80 31.08 -11.50
C PHE B 273 5.80 31.01 -10.33
N LEU B 274 6.47 29.86 -10.20
CA LEU B 274 7.43 29.69 -9.11
C LEU B 274 8.77 30.34 -9.36
N ASN B 275 9.20 30.42 -10.62
CA ASN B 275 10.40 31.20 -10.93
C ASN B 275 10.22 32.68 -10.52
N PRO B 276 9.10 33.31 -10.93
CA PRO B 276 8.80 34.62 -10.35
C PRO B 276 8.77 34.67 -8.81
N ILE B 277 7.99 33.80 -8.16
CA ILE B 277 7.84 33.81 -6.69
C ILE B 277 9.18 33.58 -5.93
N TYR B 278 9.95 32.56 -6.34
CA TYR B 278 11.25 32.24 -5.74
C TYR B 278 12.52 32.91 -6.29
N ARG B 279 12.52 33.30 -7.56
CA ARG B 279 13.75 33.82 -8.16
C ARG B 279 13.61 35.25 -8.74
N GLY B 280 12.38 35.74 -8.79
CA GLY B 280 12.11 37.12 -9.21
C GLY B 280 12.17 37.39 -10.71
N ASP B 281 12.01 36.35 -11.53
CA ASP B 281 11.78 36.53 -12.98
C ASP B 281 11.07 35.30 -13.57
N TYR B 282 10.53 35.43 -14.79
CA TYR B 282 9.95 34.29 -15.48
C TYR B 282 11.09 33.36 -15.92
N PRO B 283 10.78 32.07 -16.15
CA PRO B 283 11.76 31.09 -16.67
C PRO B 283 12.36 31.56 -18.03
N GLU B 284 13.63 31.28 -18.29
CA GLU B 284 14.24 31.88 -19.49
C GLU B 284 13.63 31.47 -20.85
N LEU B 285 13.14 30.24 -20.98
CA LEU B 285 12.54 29.84 -22.26
C LEU B 285 11.13 30.45 -22.41
N VAL B 286 10.49 30.79 -21.28
CA VAL B 286 9.22 31.54 -21.32
C VAL B 286 9.50 32.97 -21.84
N LEU B 287 10.55 33.57 -21.31
CA LEU B 287 10.99 34.87 -21.79
C LEU B 287 11.38 34.87 -23.28
N GLU B 288 12.10 33.84 -23.73
CA GLU B 288 12.47 33.72 -25.16
CA GLU B 288 12.48 33.75 -25.15
C GLU B 288 11.24 33.70 -26.04
N PHE B 289 10.20 33.03 -25.58
CA PHE B 289 8.92 32.93 -26.34
C PHE B 289 8.05 34.20 -26.24
N ALA B 290 7.94 34.75 -25.03
CA ALA B 290 6.83 35.63 -24.69
C ALA B 290 7.19 37.01 -24.13
N ARG B 291 8.46 37.40 -24.16
CA ARG B 291 8.87 38.71 -23.66
CA ARG B 291 8.83 38.71 -23.62
CA ARG B 291 8.84 38.70 -23.63
C ARG B 291 8.07 39.82 -24.34
N GLU B 292 7.86 39.68 -25.65
CA GLU B 292 7.13 40.73 -26.39
CA GLU B 292 7.12 40.68 -26.44
C GLU B 292 5.67 40.86 -25.94
N TYR B 293 5.13 39.84 -25.27
CA TYR B 293 3.72 39.82 -24.81
C TYR B 293 3.52 40.26 -23.38
N LEU B 294 4.60 40.24 -22.59
CA LEU B 294 4.54 40.67 -21.20
C LEU B 294 4.52 42.18 -21.12
N PRO B 295 3.93 42.74 -20.06
CA PRO B 295 3.97 44.19 -19.92
C PRO B 295 5.40 44.73 -19.92
N GLU B 296 5.67 45.86 -20.59
N GLU B 296 5.49 45.94 -20.50
CA GLU B 296 7.07 46.28 -20.88
CA GLU B 296 6.51 46.92 -20.23
C GLU B 296 8.01 46.39 -19.65
C GLU B 296 6.78 47.00 -18.75
N ASN B 297 7.47 46.85 -18.54
N ASN B 297 8.05 46.89 -18.37
CA ASN B 297 8.21 47.02 -17.30
CA ASN B 297 8.40 47.05 -16.98
C ASN B 297 7.76 46.03 -16.22
C ASN B 297 7.77 45.98 -16.08
N TYR B 298 7.40 44.82 -16.63
CA TYR B 298 6.82 43.76 -15.75
C TYR B 298 7.75 43.47 -14.55
N LYS B 299 9.06 43.61 -14.77
CA LYS B 299 9.99 43.14 -13.74
C LYS B 299 10.00 44.05 -12.52
N ASP B 300 9.48 45.27 -12.69
CA ASP B 300 9.26 46.18 -11.56
C ASP B 300 8.35 45.54 -10.52
N ASP B 301 7.48 44.62 -10.94
CA ASP B 301 6.55 44.01 -9.99
C ASP B 301 7.12 42.79 -9.29
N MET B 302 8.27 42.31 -9.75
CA MET B 302 8.80 41.01 -9.27
C MET B 302 9.19 40.99 -7.79
N SER B 303 9.75 42.08 -7.30
CA SER B 303 10.13 42.12 -5.89
C SER B 303 8.91 41.95 -4.96
N GLU B 304 7.76 42.53 -5.30
CA GLU B 304 6.55 42.23 -4.49
C GLU B 304 5.91 40.85 -4.76
N ILE B 305 6.06 40.35 -5.99
CA ILE B 305 5.60 39.00 -6.34
C ILE B 305 6.31 37.91 -5.48
N GLN B 306 7.54 38.19 -5.06
CA GLN B 306 8.31 37.28 -4.18
C GLN B 306 7.83 37.20 -2.72
N GLU B 307 6.72 37.86 -2.39
CA GLU B 307 6.01 37.59 -1.13
C GLU B 307 6.09 36.09 -0.73
N LYS B 308 6.64 35.78 0.46
CA LYS B 308 6.84 34.39 0.90
C LYS B 308 5.54 33.59 1.10
N ILE B 309 5.47 32.40 0.49
CA ILE B 309 4.35 31.46 0.60
C ILE B 309 4.69 30.29 1.55
N ASP B 310 3.67 29.61 2.05
CA ASP B 310 3.88 28.51 3.00
C ASP B 310 3.99 27.15 2.32
N PHE B 311 3.22 26.95 1.25
CA PHE B 311 3.20 25.67 0.54
C PHE B 311 2.92 25.83 -0.95
N VAL B 312 3.31 24.83 -1.72
CA VAL B 312 2.99 24.72 -3.16
C VAL B 312 2.01 23.58 -3.33
N GLY B 313 0.85 23.88 -3.93
CA GLY B 313 -0.11 22.84 -4.26
C GLY B 313 0.09 22.41 -5.70
N LEU B 314 0.22 21.11 -5.93
CA LEU B 314 0.38 20.59 -7.28
C LEU B 314 -0.83 19.74 -7.64
N ASN B 315 -1.45 20.08 -8.77
CA ASN B 315 -2.46 19.25 -9.36
C ASN B 315 -1.75 18.42 -10.42
N TYR B 316 -2.19 17.19 -10.59
CA TYR B 316 -1.56 16.27 -11.56
C TYR B 316 -2.54 15.20 -12.03
N TYR B 317 -2.56 15.00 -13.34
CA TYR B 317 -3.47 14.09 -14.01
C TYR B 317 -2.76 13.28 -15.06
N SER B 318 -1.87 13.89 -15.82
CA SER B 318 -1.47 13.21 -17.03
C SER B 318 -0.07 13.48 -17.52
N GLY B 319 0.34 12.63 -18.47
CA GLY B 319 1.61 12.73 -19.17
C GLY B 319 1.34 12.92 -20.65
N HIS B 320 2.32 13.49 -21.33
CA HIS B 320 2.23 13.98 -22.71
C HIS B 320 3.59 13.78 -23.32
N LEU B 321 3.59 13.25 -24.55
CA LEU B 321 4.80 13.11 -25.35
C LEU B 321 4.80 14.31 -26.25
N VAL B 322 5.95 14.99 -26.37
CA VAL B 322 6.05 16.20 -27.17
C VAL B 322 7.29 16.18 -28.04
N LYS B 323 7.30 17.03 -29.07
CA LYS B 323 8.41 17.12 -30.02
C LYS B 323 8.53 18.55 -30.55
N PHE B 324 9.73 18.90 -31.02
CA PHE B 324 9.96 20.15 -31.73
C PHE B 324 9.20 20.13 -33.06
N ASP B 325 8.73 21.30 -33.48
CA ASP B 325 7.89 21.43 -34.66
C ASP B 325 7.88 22.90 -35.04
N PRO B 326 8.63 23.26 -36.09
CA PRO B 326 8.84 24.66 -36.48
C PRO B 326 7.59 25.35 -37.05
N ASP B 327 6.51 24.60 -37.25
CA ASP B 327 5.26 25.19 -37.74
CA ASP B 327 5.24 25.16 -37.75
C ASP B 327 4.29 25.50 -36.61
N ALA B 328 4.51 24.88 -35.45
CA ALA B 328 3.66 25.07 -34.29
C ALA B 328 3.94 26.41 -33.62
N PRO B 329 2.89 27.05 -33.05
CA PRO B 329 3.18 28.20 -32.17
C PRO B 329 3.89 27.68 -30.91
N ALA B 330 4.94 28.40 -30.50
CA ALA B 330 5.85 28.00 -29.42
C ALA B 330 6.88 26.96 -29.90
N LYS B 331 6.70 26.50 -31.15
CA LYS B 331 7.56 25.50 -31.83
C LYS B 331 7.54 24.11 -31.17
N VAL B 332 6.39 23.76 -30.61
CA VAL B 332 6.16 22.48 -29.93
C VAL B 332 4.80 21.91 -30.29
N SER B 333 4.74 20.60 -30.53
CA SER B 333 3.46 19.90 -30.71
C SER B 333 3.41 18.60 -29.92
N PHE B 334 2.22 18.27 -29.44
CA PHE B 334 1.96 17.01 -28.76
C PHE B 334 1.91 15.86 -29.77
N VAL B 335 2.24 14.65 -29.32
CA VAL B 335 2.06 13.46 -30.16
C VAL B 335 1.42 12.32 -29.37
N GLU B 336 0.45 11.65 -29.99
CA GLU B 336 -0.36 10.65 -29.32
C GLU B 336 0.45 9.40 -29.01
N ARG B 337 0.02 8.68 -27.97
CA ARG B 337 0.70 7.46 -27.54
C ARG B 337 -0.32 6.37 -27.31
N ASP B 338 0.08 5.13 -27.56
CA ASP B 338 -0.74 3.96 -27.34
C ASP B 338 -0.69 3.62 -25.85
N LEU B 339 -1.22 4.53 -25.04
CA LEU B 339 -1.25 4.34 -23.61
C LEU B 339 -2.69 4.35 -23.14
N PRO B 340 -2.99 3.68 -22.01
CA PRO B 340 -4.32 3.72 -21.39
C PRO B 340 -4.72 5.16 -21.04
N LYS B 341 -5.94 5.55 -21.44
CA LYS B 341 -6.47 6.92 -21.34
C LYS B 341 -7.75 6.97 -20.53
N THR B 342 -8.06 8.12 -19.96
CA THR B 342 -9.33 8.30 -19.29
C THR B 342 -10.37 8.80 -20.29
N ALA B 343 -11.60 8.98 -19.82
CA ALA B 343 -12.68 9.57 -20.63
C ALA B 343 -12.31 10.95 -21.17
N MET B 344 -11.36 11.65 -20.54
CA MET B 344 -10.89 12.95 -21.04
C MET B 344 -9.92 12.81 -22.18
N GLY B 345 -9.45 11.58 -22.39
CA GLY B 345 -8.40 11.32 -23.39
C GLY B 345 -7.01 11.50 -22.80
N TRP B 346 -6.91 11.61 -21.49
CA TRP B 346 -5.62 11.85 -20.82
C TRP B 346 -4.89 10.57 -20.48
N GLU B 347 -3.66 10.47 -20.99
CA GLU B 347 -2.82 9.29 -20.87
C GLU B 347 -2.40 9.12 -19.44
N ILE B 348 -2.63 7.91 -18.91
CA ILE B 348 -2.35 7.55 -17.54
C ILE B 348 -0.88 7.14 -17.41
N VAL B 349 -0.10 8.02 -16.77
CA VAL B 349 1.34 7.86 -16.58
C VAL B 349 1.64 8.19 -15.12
N PRO B 350 1.36 7.24 -14.18
CA PRO B 350 1.49 7.52 -12.74
C PRO B 350 2.86 8.03 -12.29
N GLU B 351 3.91 7.74 -13.06
CA GLU B 351 5.27 8.14 -12.67
C GLU B 351 5.54 9.63 -12.90
N GLY B 352 4.60 10.32 -13.55
CA GLY B 352 4.66 11.78 -13.66
C GLY B 352 4.47 12.48 -12.33
N ILE B 353 3.67 11.89 -11.44
CA ILE B 353 3.42 12.50 -10.14
C ILE B 353 4.66 12.43 -9.24
N TYR B 354 5.45 11.37 -9.41
CA TYR B 354 6.74 11.26 -8.74
C TYR B 354 7.71 12.28 -9.35
N TRP B 355 7.78 12.31 -10.67
CA TRP B 355 8.72 13.18 -11.37
C TRP B 355 8.45 14.66 -11.02
N ILE B 356 7.18 15.04 -10.93
CA ILE B 356 6.84 16.45 -10.70
C ILE B 356 7.14 16.83 -9.27
N LEU B 357 6.97 15.86 -8.37
CA LEU B 357 7.24 16.07 -6.95
C LEU B 357 8.74 16.20 -6.72
N LYS B 358 9.51 15.33 -7.38
CA LYS B 358 10.97 15.42 -7.26
C LYS B 358 11.48 16.72 -7.86
N LYS B 359 10.99 17.04 -9.07
CA LYS B 359 11.44 18.22 -9.80
C LYS B 359 11.19 19.52 -9.04
N VAL B 360 10.04 19.66 -8.38
CA VAL B 360 9.75 20.90 -7.63
C VAL B 360 10.67 21.06 -6.44
N LYS B 361 11.03 19.94 -5.79
CA LYS B 361 11.96 20.02 -4.67
C LYS B 361 13.34 20.43 -5.19
N GLU B 362 13.77 19.84 -6.28
CA GLU B 362 15.04 20.18 -6.92
C GLU B 362 15.18 21.60 -7.45
N GLU B 363 14.09 22.13 -8.03
CA GLU B 363 14.14 23.47 -8.64
C GLU B 363 13.87 24.57 -7.64
N TYR B 364 12.87 24.40 -6.79
CA TYR B 364 12.48 25.52 -5.89
C TYR B 364 12.53 25.20 -4.40
N ASN B 365 12.63 23.91 -4.07
CA ASN B 365 12.72 23.47 -2.68
C ASN B 365 11.69 24.16 -1.77
N PRO B 366 10.37 24.04 -2.09
CA PRO B 366 9.34 24.61 -1.22
C PRO B 366 9.33 23.92 0.16
N PRO B 367 8.91 24.62 1.24
CA PRO B 367 8.92 23.95 2.56
C PRO B 367 7.88 22.82 2.70
N GLU B 368 6.68 23.05 2.17
CA GLU B 368 5.66 22.02 2.09
C GLU B 368 5.12 21.91 0.66
N VAL B 369 4.73 20.70 0.27
CA VAL B 369 4.05 20.41 -1.00
C VAL B 369 2.79 19.62 -0.68
N TYR B 370 1.69 19.96 -1.36
CA TYR B 370 0.48 19.14 -1.34
C TYR B 370 0.10 18.72 -2.75
N ILE B 371 -0.42 17.52 -2.88
CA ILE B 371 -1.14 17.16 -4.09
C ILE B 371 -2.57 17.66 -3.89
N THR B 372 -2.94 18.68 -4.66
CA THR B 372 -4.21 19.38 -4.40
C THR B 372 -5.34 18.83 -5.25
N GLU B 373 -4.99 18.08 -6.28
CA GLU B 373 -5.94 17.33 -7.08
C GLU B 373 -5.23 16.20 -7.75
N ASN B 374 -5.82 15.02 -7.70
CA ASN B 374 -5.40 13.92 -8.55
C ASN B 374 -6.65 13.07 -8.75
N GLY B 375 -6.87 12.56 -9.95
CA GLY B 375 -8.14 11.88 -10.20
C GLY B 375 -8.29 11.42 -11.62
N ALA B 376 -9.43 10.79 -11.92
CA ALA B 376 -9.65 10.31 -13.27
C ALA B 376 -11.10 10.35 -13.64
N ALA B 377 -11.35 10.49 -14.92
CA ALA B 377 -12.71 10.45 -15.44
C ALA B 377 -12.95 9.17 -16.23
N PHE B 378 -14.05 8.48 -15.95
CA PHE B 378 -14.44 7.28 -16.67
C PHE B 378 -15.95 7.32 -16.81
N ASP B 379 -16.49 6.70 -17.85
CA ASP B 379 -17.93 6.55 -17.99
CA ASP B 379 -17.94 6.58 -17.96
C ASP B 379 -18.41 5.54 -16.94
N ASP B 380 -18.83 6.04 -15.78
CA ASP B 380 -19.30 5.18 -14.68
C ASP B 380 -20.75 4.81 -14.92
N VAL B 381 -21.11 3.57 -14.56
CA VAL B 381 -22.50 3.09 -14.68
C VAL B 381 -23.02 2.55 -13.34
N VAL B 382 -24.30 2.82 -13.05
CA VAL B 382 -24.96 2.21 -11.89
C VAL B 382 -25.36 0.78 -12.23
N SER B 383 -24.69 -0.21 -11.63
CA SER B 383 -24.98 -1.62 -11.90
CA SER B 383 -24.97 -1.62 -11.87
C SER B 383 -26.31 -2.03 -11.27
N GLU B 384 -26.84 -3.20 -11.68
CA GLU B 384 -28.09 -3.76 -11.13
C GLU B 384 -28.11 -3.72 -9.60
N ASP B 385 -26.94 -3.95 -8.99
CA ASP B 385 -26.79 -3.88 -7.52
C ASP B 385 -26.83 -2.47 -6.93
N GLY B 386 -27.10 -1.47 -7.80
CA GLY B 386 -27.17 -0.06 -7.37
C GLY B 386 -25.82 0.44 -6.91
N ARG B 387 -24.79 -0.22 -7.42
CA ARG B 387 -23.41 0.05 -7.06
C ARG B 387 -22.68 0.58 -8.29
N VAL B 388 -21.50 1.19 -8.08
CA VAL B 388 -20.68 1.64 -9.18
C VAL B 388 -19.29 1.01 -9.02
N HIS B 389 -18.97 0.11 -9.95
CA HIS B 389 -17.77 -0.72 -9.79
C HIS B 389 -16.62 -0.15 -10.61
N ASP B 390 -16.15 1.02 -10.16
CA ASP B 390 -15.10 1.75 -10.86
C ASP B 390 -13.71 1.28 -10.47
N GLN B 391 -13.45 0.03 -10.84
CA GLN B 391 -12.15 -0.60 -10.64
C GLN B 391 -11.06 0.17 -11.38
N ASN B 392 -11.44 0.80 -12.50
CA ASN B 392 -10.50 1.61 -13.31
C ASN B 392 -9.96 2.84 -12.57
N ARG B 393 -10.81 3.49 -11.77
CA ARG B 393 -10.44 4.63 -10.95
C ARG B 393 -9.55 4.20 -9.79
N ILE B 394 -9.96 3.11 -9.12
CA ILE B 394 -9.16 2.51 -8.06
C ILE B 394 -7.74 2.32 -8.54
N ASP B 395 -7.61 1.70 -9.71
CA ASP B 395 -6.31 1.37 -10.25
C ASP B 395 -5.50 2.64 -10.51
N TYR B 396 -6.19 3.66 -11.01
CA TYR B 396 -5.59 4.97 -11.26
C TYR B 396 -5.05 5.58 -9.96
N LEU B 397 -5.93 5.73 -8.98
CA LEU B 397 -5.58 6.34 -7.70
C LEU B 397 -4.49 5.60 -6.93
N LYS B 398 -4.49 4.26 -6.93
CA LYS B 398 -3.49 3.57 -6.08
C LYS B 398 -2.08 3.69 -6.65
N ALA B 399 -1.98 3.64 -7.98
CA ALA B 399 -0.70 3.81 -8.66
C ALA B 399 -0.11 5.22 -8.50
N HIS B 400 -0.94 6.24 -8.57
CA HIS B 400 -0.45 7.62 -8.37
C HIS B 400 -0.05 7.84 -6.92
N ILE B 401 -0.90 7.43 -5.98
CA ILE B 401 -0.60 7.50 -4.54
C ILE B 401 0.69 6.72 -4.14
N GLY B 402 0.92 5.58 -4.79
CA GLY B 402 2.17 4.83 -4.59
C GLY B 402 3.40 5.55 -5.11
N GLN B 403 3.25 6.27 -6.23
CA GLN B 403 4.31 7.12 -6.77
C GLN B 403 4.60 8.32 -5.84
N ALA B 404 3.56 8.87 -5.22
CA ALA B 404 3.68 9.93 -4.23
C ALA B 404 4.35 9.44 -2.96
N TRP B 405 4.05 8.19 -2.59
CA TRP B 405 4.71 7.54 -1.45
C TRP B 405 6.20 7.53 -1.72
N LYS B 406 6.58 7.14 -2.94
CA LYS B 406 7.97 7.00 -3.36
C LYS B 406 8.70 8.33 -3.32
N ALA B 407 8.01 9.42 -3.66
CA ALA B 407 8.60 10.76 -3.63
C ALA B 407 8.93 11.18 -2.19
N ILE B 408 8.02 10.92 -1.27
CA ILE B 408 8.29 11.15 0.15
C ILE B 408 9.58 10.46 0.64
N GLN B 409 9.82 9.22 0.19
CA GLN B 409 10.98 8.43 0.62
C GLN B 409 12.28 9.08 0.16
N GLU B 410 12.23 9.72 -1.00
CA GLU B 410 13.39 10.45 -1.50
C GLU B 410 13.41 11.89 -0.97
N GLY B 411 12.62 12.16 0.07
CA GLY B 411 12.76 13.39 0.85
C GLY B 411 11.94 14.62 0.43
N VAL B 412 10.98 14.43 -0.48
CA VAL B 412 10.02 15.49 -0.85
C VAL B 412 9.07 15.76 0.31
N PRO B 413 8.99 17.03 0.78
CA PRO B 413 8.14 17.39 1.91
C PRO B 413 6.62 17.39 1.61
N LEU B 414 6.12 16.29 1.06
CA LEU B 414 4.69 16.15 0.73
C LEU B 414 3.82 15.92 1.99
N LYS B 415 2.91 16.87 2.25
CA LYS B 415 2.14 16.90 3.51
C LYS B 415 0.70 16.39 3.41
N GLY B 416 0.21 16.13 2.19
CA GLY B 416 -1.17 15.71 1.99
C GLY B 416 -1.49 15.45 0.53
N TYR B 417 -2.67 14.86 0.31
CA TYR B 417 -3.08 14.42 -1.01
C TYR B 417 -4.61 14.53 -1.09
N PHE B 418 -5.11 15.14 -2.15
CA PHE B 418 -6.55 15.38 -2.29
C PHE B 418 -7.01 14.75 -3.58
N VAL B 419 -8.06 13.94 -3.49
CA VAL B 419 -8.64 13.33 -4.68
C VAL B 419 -9.58 14.36 -5.36
N TRP B 420 -9.40 14.55 -6.65
CA TRP B 420 -10.42 15.26 -7.39
C TRP B 420 -11.28 14.16 -8.01
N SER B 421 -12.58 14.10 -7.71
CA SER B 421 -13.33 15.01 -6.85
C SER B 421 -14.22 14.18 -5.90
N LEU B 422 -14.78 14.80 -4.87
CA LEU B 422 -15.82 14.14 -4.07
C LEU B 422 -17.02 13.70 -4.92
N LEU B 423 -17.48 14.57 -5.83
CA LEU B 423 -18.66 14.31 -6.64
C LEU B 423 -18.36 14.37 -8.12
N ASP B 424 -19.13 13.61 -8.92
CA ASP B 424 -19.29 13.93 -10.35
C ASP B 424 -19.81 15.39 -10.47
N ASN B 425 -19.30 16.15 -11.43
CA ASN B 425 -19.69 17.57 -11.45
C ASN B 425 -19.64 18.22 -12.81
N PHE B 426 -19.83 19.54 -12.85
CA PHE B 426 -19.72 20.30 -14.11
C PHE B 426 -18.23 20.37 -14.52
N GLU B 427 -17.82 19.61 -15.52
CA GLU B 427 -16.43 19.61 -15.92
C GLU B 427 -16.15 20.71 -16.97
N TRP B 428 -16.49 21.95 -16.61
CA TRP B 428 -16.17 23.14 -17.44
C TRP B 428 -16.70 23.02 -18.89
N ALA B 429 -15.84 23.17 -19.92
CA ALA B 429 -16.31 23.10 -21.33
C ALA B 429 -16.85 21.71 -21.74
N GLU B 430 -16.50 20.69 -20.97
CA GLU B 430 -17.05 19.32 -21.17
C GLU B 430 -18.46 19.10 -20.61
N GLY B 431 -18.92 20.07 -19.82
CA GLY B 431 -20.18 19.96 -19.09
C GLY B 431 -20.23 18.75 -18.15
N TYR B 432 -21.41 18.14 -18.06
CA TYR B 432 -21.63 16.99 -17.17
C TYR B 432 -21.24 15.65 -17.77
N SER B 433 -20.65 15.66 -18.97
CA SER B 433 -20.30 14.43 -19.68
C SER B 433 -19.06 13.75 -19.12
N LYS B 434 -18.43 14.36 -18.12
CA LYS B 434 -17.20 13.82 -17.55
CA LYS B 434 -17.20 13.82 -17.55
C LYS B 434 -17.34 13.69 -16.06
N ARG B 435 -17.15 12.46 -15.57
CA ARG B 435 -17.39 12.15 -14.17
C ARG B 435 -16.07 11.85 -13.46
N PHE B 436 -15.72 12.67 -12.49
CA PHE B 436 -14.43 12.53 -11.78
C PHE B 436 -14.68 12.04 -10.35
N GLY B 437 -15.95 11.96 -9.97
CA GLY B 437 -16.32 11.69 -8.59
C GLY B 437 -15.79 10.35 -8.07
N ILE B 438 -15.48 10.32 -6.77
CA ILE B 438 -15.46 9.04 -6.05
C ILE B 438 -16.88 8.77 -5.54
N VAL B 439 -17.73 9.80 -5.62
CA VAL B 439 -19.18 9.69 -5.42
C VAL B 439 -19.94 10.01 -6.73
N TYR B 440 -20.79 9.08 -7.16
CA TYR B 440 -21.61 9.22 -8.36
C TYR B 440 -22.82 10.12 -8.05
N VAL B 441 -23.22 10.92 -9.03
CA VAL B 441 -24.37 11.81 -8.87
C VAL B 441 -25.31 11.53 -10.02
N ASP B 442 -26.52 11.13 -9.67
CA ASP B 442 -27.56 10.95 -10.65
C ASP B 442 -28.26 12.28 -10.76
N TYR B 443 -28.09 12.94 -11.91
CA TYR B 443 -28.57 14.30 -12.11
C TYR B 443 -30.10 14.42 -12.22
N SER B 444 -30.78 13.33 -12.60
CA SER B 444 -32.26 13.35 -12.64
C SER B 444 -32.88 13.52 -11.25
N THR B 445 -32.25 12.93 -10.23
CA THR B 445 -32.78 12.99 -8.86
C THR B 445 -31.89 13.68 -7.83
N GLN B 446 -30.62 13.91 -8.19
CA GLN B 446 -29.59 14.41 -7.27
C GLN B 446 -29.20 13.36 -6.22
N LYS B 447 -29.39 12.09 -6.60
CA LYS B 447 -29.04 10.97 -5.73
CA LYS B 447 -29.05 10.99 -5.71
C LYS B 447 -27.53 10.74 -5.72
N ARG B 448 -26.93 10.70 -4.52
CA ARG B 448 -25.55 10.32 -4.39
C ARG B 448 -25.44 8.80 -4.22
N ILE B 449 -24.51 8.21 -4.98
CA ILE B 449 -24.17 6.80 -4.83
C ILE B 449 -22.66 6.71 -4.72
N VAL B 450 -22.16 6.56 -3.48
CA VAL B 450 -20.72 6.31 -3.26
C VAL B 450 -20.25 5.22 -4.21
N LYS B 451 -19.09 5.43 -4.83
CA LYS B 451 -18.53 4.44 -5.73
C LYS B 451 -17.57 3.52 -4.98
N ASP B 452 -17.08 2.49 -5.67
CA ASP B 452 -16.10 1.56 -5.10
C ASP B 452 -14.82 2.30 -4.77
N SER B 453 -14.29 3.07 -5.73
CA SER B 453 -13.18 3.99 -5.46
C SER B 453 -13.37 4.71 -4.13
N GLY B 454 -14.61 5.10 -3.85
CA GLY B 454 -14.96 5.79 -2.61
C GLY B 454 -14.71 4.97 -1.35
N TYR B 455 -15.14 3.71 -1.35
CA TYR B 455 -14.98 2.82 -0.18
C TYR B 455 -13.51 2.48 -0.01
N TRP B 456 -12.86 2.25 -1.15
CA TRP B 456 -11.44 1.95 -1.19
C TRP B 456 -10.53 3.08 -0.67
N TYR B 457 -10.88 4.32 -1.01
CA TYR B 457 -10.15 5.49 -0.55
C TYR B 457 -10.41 5.72 0.93
N SER B 458 -11.64 5.43 1.34
CA SER B 458 -12.02 5.45 2.76
C SER B 458 -11.04 4.56 3.53
N ASN B 459 -10.74 3.43 2.93
CA ASN B 459 -9.82 2.45 3.49
C ASN B 459 -8.40 2.99 3.55
N VAL B 460 -7.93 3.58 2.44
CA VAL B 460 -6.59 4.18 2.33
C VAL B 460 -6.35 5.17 3.46
N VAL B 461 -7.32 6.05 3.69
CA VAL B 461 -7.25 7.03 4.79
C VAL B 461 -7.15 6.34 6.13
N LYS B 462 -8.06 5.38 6.35
CA LYS B 462 -8.08 4.54 7.56
C LYS B 462 -6.70 3.93 7.83
N ASN B 463 -6.07 3.42 6.77
CA ASN B 463 -4.76 2.80 6.86
C ASN B 463 -3.54 3.74 6.84
N ASN B 464 -3.74 5.00 6.43
CA ASN B 464 -2.64 5.95 6.12
C ASN B 464 -1.64 5.42 5.08
N GLY B 465 -2.17 4.74 4.07
CA GLY B 465 -1.33 4.18 3.02
C GLY B 465 -2.05 3.09 2.26
N LEU B 466 -1.35 2.49 1.30
CA LEU B 466 -1.93 1.45 0.46
C LEU B 466 -1.73 0.09 1.13
O2 CGB C . 5.35 -21.27 8.30
C2 CGB C . 4.91 -20.05 7.71
N1 CGB C . 5.60 -19.79 6.47
C8 CGB C . 5.25 -18.81 8.52
C7 CGB C . 5.43 -17.70 7.48
C6 CGB C . 5.34 -18.42 6.12
C3 CGB C . 3.38 -20.08 7.44
O3 CGB C . 2.71 -20.18 8.71
C4 CGB C . 2.92 -18.82 6.64
O4 CGB C . 1.61 -19.01 6.10
C5 CGB C . 3.91 -18.44 5.54
O5 CGB C . 3.62 -17.14 4.98
C ACT D . -13.90 -16.34 8.50
O ACT D . -13.44 -15.23 8.08
OXT ACT D . -13.13 -17.28 8.55
CH3 ACT D . -15.30 -16.56 8.91
O2 CGB E . -8.98 22.56 -10.93
C2 CGB E . -9.34 21.81 -12.10
N1 CGB E . -8.38 20.76 -12.38
C8 CGB E . -9.29 22.61 -13.40
C7 CGB E . -8.86 21.59 -14.47
C6 CGB E . -8.64 20.26 -13.72
C3 CGB E . -10.72 21.16 -11.91
O3 CGB E . -11.72 22.16 -11.56
C4 CGB E . -11.12 20.30 -13.12
O4 CGB E . -12.29 19.52 -12.82
C5 CGB E . -9.94 19.43 -13.58
O5 CGB E . -10.25 18.83 -14.83
C ACT F . 9.33 47.42 -7.68
O ACT F . 10.12 46.48 -7.49
OXT ACT F . 8.20 47.26 -7.16
CH3 ACT F . 9.74 48.66 -8.50
#